data_8PKU
#
_entry.id   8PKU
#
_cell.length_a   161.960
_cell.length_b   68.583
_cell.length_c   77.720
_cell.angle_alpha   90.000
_cell.angle_beta   117.450
_cell.angle_gamma   90.000
#
_symmetry.space_group_name_H-M   'C 1 2 1'
#
loop_
_entity.id
_entity.type
_entity.pdbx_description
1 polymer 'Kelch-like ECH-associated protein 1'
2 polymer CP3
3 non-polymer 'SULFATE ION'
4 non-polymer 'CHLORIDE ION'
5 non-polymer GLYCEROL
6 non-polymer 1,2-ETHANEDIOL
7 non-polymer (2-methylphenyl)methanol
8 water water
#
loop_
_entity_poly.entity_id
_entity_poly.type
_entity_poly.pdbx_seq_one_letter_code
_entity_poly.pdbx_strand_id
1 'polypeptide(L)'
;GHMKPTQVMPSRAPKVGRLIYTAGGYFRQSLSYLEAYNPSDGTWLRLADLQVPRSGLAGCVVGGLLYAVGGRNNSPDGNT
DSSALDCYNPMTNQWSPCAPMSVPRNRIGVGVIDGHIYAVGGSHGCIHHNSVERYEPERDEWHLVAPMLTRRIGVGVAVL
NRLLYAVGGFDGTNRLNSAECYYPERNEWRMITAMNTIRSGAGVCVLHNCIYAAGGYDGQDQLNSVERYDVATATWTFVA
PMKHRRSALGITVHQGRIYVLGGYDGHTFLDSVECYDPDTDTWSEVTRMTSGRSGVGVAVTMEPSRKQIDQQNSTS
;
A,B
2 'polypeptide(L)' (ACE)WRCDEETGEC(NH2) P
#
loop_
_chem_comp.id
_chem_comp.type
_chem_comp.name
_chem_comp.formula
ACE non-polymer 'ACETYL GROUP' 'C2 H4 O'
CL non-polymer 'CHLORIDE ION' 'Cl -1'
EDO non-polymer 1,2-ETHANEDIOL 'C2 H6 O2'
GOL non-polymer GLYCEROL 'C3 H8 O3'
NH2 non-polymer 'AMINO GROUP' 'H2 N'
SO4 non-polymer 'SULFATE ION' 'O4 S -2'
ZK2 non-polymer (2-methylphenyl)methanol 'C8 H10 O'
#
# COMPACT_ATOMS: atom_id res chain seq x y z
N GLY A 17 -1.17 20.90 12.89
CA GLY A 17 -0.65 20.13 14.01
C GLY A 17 -1.60 18.99 14.36
N ARG A 18 -1.05 17.83 14.70
CA ARG A 18 -1.85 16.65 14.98
C ARG A 18 -1.62 16.17 16.41
N LEU A 19 -2.68 15.66 17.02
CA LEU A 19 -2.64 15.19 18.40
C LEU A 19 -2.93 13.69 18.47
N ILE A 20 -2.60 13.10 19.60
CA ILE A 20 -2.91 11.70 19.88
C ILE A 20 -4.21 11.67 20.70
N TYR A 21 -5.28 11.15 20.11
CA TYR A 21 -6.59 11.11 20.77
C TYR A 21 -6.80 9.76 21.43
N THR A 22 -7.23 9.74 22.70
N THR A 22 -7.25 9.78 22.68
CA THR A 22 -7.59 8.50 23.38
CA THR A 22 -7.62 8.58 23.41
C THR A 22 -9.04 8.58 23.83
C THR A 22 -9.10 8.65 23.74
N ALA A 23 -9.83 7.59 23.44
CA ALA A 23 -11.27 7.55 23.68
C ALA A 23 -11.61 6.35 24.55
N GLY A 24 -12.47 6.57 25.55
CA GLY A 24 -13.00 5.47 26.34
C GLY A 24 -11.97 4.83 27.24
N GLY A 25 -12.19 3.55 27.54
CA GLY A 25 -11.28 2.80 28.39
C GLY A 25 -11.99 2.24 29.59
N TYR A 26 -11.20 1.63 30.47
CA TYR A 26 -11.74 0.95 31.65
C TYR A 26 -10.89 1.29 32.87
N PHE A 27 -11.56 1.70 33.95
CA PHE A 27 -10.96 1.74 35.28
C PHE A 27 -12.13 1.62 36.24
N ARG A 28 -12.30 0.43 36.83
N ARG A 28 -12.25 0.44 36.86
CA ARG A 28 -13.41 0.09 37.73
CA ARG A 28 -13.38 0.03 37.68
C ARG A 28 -14.77 0.09 37.04
C ARG A 28 -14.65 -0.09 36.84
N GLN A 29 -14.91 0.86 35.96
CA GLN A 29 -16.05 0.79 35.07
C GLN A 29 -15.62 1.37 33.73
N SER A 30 -16.44 1.18 32.70
CA SER A 30 -16.09 1.75 31.41
C SER A 30 -16.14 3.28 31.49
N LEU A 31 -15.40 3.94 30.59
CA LEU A 31 -15.17 5.38 30.68
C LEU A 31 -15.66 6.10 29.43
N SER A 32 -15.99 7.39 29.58
CA SER A 32 -16.47 8.23 28.49
CA SER A 32 -16.45 8.17 28.44
C SER A 32 -15.44 9.26 28.03
N TYR A 33 -14.24 9.24 28.60
CA TYR A 33 -13.27 10.30 28.33
C TYR A 33 -12.86 10.33 26.86
N LEU A 34 -12.74 11.54 26.33
CA LEU A 34 -11.97 11.78 25.11
C LEU A 34 -10.94 12.84 25.46
N GLU A 35 -9.66 12.49 25.34
CA GLU A 35 -8.57 13.40 25.66
C GLU A 35 -7.52 13.33 24.56
N ALA A 36 -6.83 14.44 24.31
CA ALA A 36 -5.89 14.54 23.19
C ALA A 36 -4.56 15.05 23.71
N TYR A 37 -3.51 14.26 23.50
CA TYR A 37 -2.15 14.55 23.95
C TYR A 37 -1.38 15.28 22.85
N ASN A 38 -0.67 16.34 23.24
CA ASN A 38 0.20 17.10 22.34
C ASN A 38 1.63 16.70 22.60
N PRO A 39 2.27 15.91 21.73
CA PRO A 39 3.62 15.43 22.06
C PRO A 39 4.64 16.53 22.15
N SER A 40 4.33 17.73 21.65
CA SER A 40 5.28 18.83 21.68
C SER A 40 5.18 19.60 22.99
N ASP A 41 3.99 20.11 23.33
CA ASP A 41 3.87 20.91 24.55
C ASP A 41 3.43 20.10 25.76
N GLY A 42 3.16 18.80 25.59
CA GLY A 42 2.91 17.87 26.69
C GLY A 42 1.51 17.89 27.28
N THR A 43 0.60 18.73 26.76
CA THR A 43 -0.70 18.90 27.39
C THR A 43 -1.64 17.75 27.04
N TRP A 44 -2.61 17.54 27.92
CA TRP A 44 -3.80 16.72 27.64
C TRP A 44 -5.00 17.66 27.56
N LEU A 45 -5.70 17.62 26.44
N LEU A 45 -5.64 17.71 26.40
CA LEU A 45 -6.88 18.44 26.20
CA LEU A 45 -6.88 18.44 26.25
C LEU A 45 -8.15 17.62 26.43
C LEU A 45 -8.03 17.51 26.64
N ARG A 46 -9.00 18.06 27.36
CA ARG A 46 -10.23 17.33 27.67
C ARG A 46 -11.31 17.77 26.68
N LEU A 47 -11.82 16.82 25.90
CA LEU A 47 -12.76 17.09 24.82
C LEU A 47 -14.12 16.47 25.13
N ALA A 48 -15.06 16.58 24.18
CA ALA A 48 -16.42 16.10 24.42
C ALA A 48 -16.43 14.62 24.78
N ASP A 49 -17.20 14.28 25.83
CA ASP A 49 -17.35 12.87 26.22
C ASP A 49 -18.00 12.05 25.12
N LEU A 50 -17.59 10.78 25.01
CA LEU A 50 -18.38 9.77 24.33
C LEU A 50 -19.82 9.81 24.80
N GLN A 51 -20.74 9.48 23.89
CA GLN A 51 -22.15 9.45 24.27
C GLN A 51 -22.41 8.36 25.31
N VAL A 52 -21.65 7.27 25.24
CA VAL A 52 -21.83 6.08 26.08
C VAL A 52 -20.44 5.67 26.58
N PRO A 53 -20.25 5.44 27.88
N PRO A 53 -20.26 5.41 27.87
CA PRO A 53 -18.95 4.90 28.34
CA PRO A 53 -18.96 4.90 28.33
C PRO A 53 -18.66 3.56 27.70
C PRO A 53 -18.65 3.54 27.72
N ARG A 54 -17.45 3.41 27.15
CA ARG A 54 -17.06 2.20 26.44
C ARG A 54 -15.61 1.85 26.69
N SER A 55 -15.34 0.56 26.91
CA SER A 55 -13.99 0.03 26.94
C SER A 55 -13.88 -1.08 25.90
N GLY A 56 -12.65 -1.47 25.56
CA GLY A 56 -12.47 -2.54 24.58
C GLY A 56 -12.84 -2.14 23.18
N LEU A 57 -12.91 -0.85 22.91
CA LEU A 57 -13.23 -0.28 21.61
C LEU A 57 -11.93 -0.05 20.83
N ALA A 58 -12.06 0.33 19.56
CA ALA A 58 -10.90 0.69 18.77
C ALA A 58 -11.14 2.07 18.19
N GLY A 59 -10.07 2.80 17.91
CA GLY A 59 -10.17 4.10 17.26
C GLY A 59 -9.50 4.05 15.91
N CYS A 60 -9.94 4.93 15.00
CA CYS A 60 -9.24 5.10 13.74
C CYS A 60 -9.69 6.44 13.17
N VAL A 61 -9.02 6.87 12.11
CA VAL A 61 -9.32 8.16 11.50
C VAL A 61 -9.52 7.96 10.00
N VAL A 62 -10.61 8.52 9.46
CA VAL A 62 -10.82 8.57 8.01
C VAL A 62 -11.26 9.99 7.67
N GLY A 63 -10.58 10.60 6.71
CA GLY A 63 -10.93 11.95 6.27
C GLY A 63 -10.92 12.97 7.39
N GLY A 64 -9.93 12.89 8.28
CA GLY A 64 -9.82 13.78 9.41
C GLY A 64 -10.75 13.51 10.57
N LEU A 65 -11.74 12.63 10.41
CA LEU A 65 -12.69 12.36 11.48
C LEU A 65 -12.24 11.17 12.30
N LEU A 66 -12.43 11.25 13.62
CA LEU A 66 -12.09 10.17 14.54
C LEU A 66 -13.30 9.26 14.76
N TYR A 67 -13.10 7.95 14.62
CA TYR A 67 -14.18 7.00 14.79
C TYR A 67 -13.90 6.12 16.00
N ALA A 68 -14.93 5.85 16.79
CA ALA A 68 -14.87 4.95 17.94
C ALA A 68 -15.76 3.76 17.60
N VAL A 69 -15.19 2.55 17.62
CA VAL A 69 -15.81 1.35 17.07
C VAL A 69 -15.95 0.28 18.15
N GLY A 70 -17.16 -0.24 18.34
CA GLY A 70 -17.35 -1.40 19.19
C GLY A 70 -17.13 -1.13 20.67
N GLY A 71 -16.66 -2.15 21.38
CA GLY A 71 -16.39 -2.08 22.82
C GLY A 71 -17.53 -2.63 23.66
N ARG A 72 -17.57 -2.15 24.91
CA ARG A 72 -18.50 -2.67 25.89
C ARG A 72 -18.78 -1.57 26.90
N ASN A 73 -20.03 -1.46 27.32
CA ASN A 73 -20.36 -0.53 28.41
C ASN A 73 -20.49 -1.34 29.70
N ASN A 74 -19.42 -1.33 30.51
CA ASN A 74 -19.42 -1.86 31.87
C ASN A 74 -19.81 -0.75 32.83
N SER A 75 -21.00 -0.85 33.42
N SER A 75 -21.00 -0.86 33.41
CA SER A 75 -21.49 0.17 34.33
CA SER A 75 -21.54 0.15 34.32
C SER A 75 -22.11 -0.50 35.53
C SER A 75 -22.05 -0.54 35.56
N PRO A 76 -22.14 0.17 36.69
CA PRO A 76 -22.78 -0.42 37.88
C PRO A 76 -24.24 -0.75 37.66
N ASP A 77 -24.90 -0.15 36.65
CA ASP A 77 -26.28 -0.45 36.32
C ASP A 77 -26.43 -1.68 35.43
N GLY A 78 -25.36 -2.19 34.87
CA GLY A 78 -25.41 -3.32 33.96
C GLY A 78 -24.36 -3.20 32.87
N ASN A 79 -24.10 -4.32 32.21
CA ASN A 79 -23.03 -4.44 31.22
C ASN A 79 -23.59 -4.87 29.88
N THR A 80 -23.11 -4.23 28.80
CA THR A 80 -23.57 -4.63 27.47
C THR A 80 -22.46 -4.43 26.45
N ASP A 81 -22.26 -5.42 25.58
CA ASP A 81 -21.32 -5.19 24.49
C ASP A 81 -21.94 -4.22 23.47
N SER A 82 -21.09 -3.57 22.68
CA SER A 82 -21.53 -2.49 21.79
C SER A 82 -21.26 -2.83 20.32
N SER A 83 -22.27 -2.59 19.46
CA SER A 83 -22.10 -2.61 18.01
C SER A 83 -21.85 -1.22 17.46
N ALA A 84 -21.76 -0.21 18.32
CA ALA A 84 -21.87 1.18 17.88
C ALA A 84 -20.65 1.64 17.11
N LEU A 85 -20.91 2.54 16.16
CA LEU A 85 -19.88 3.32 15.49
C LEU A 85 -20.24 4.79 15.70
N ASP A 86 -19.29 5.57 16.25
CA ASP A 86 -19.51 6.99 16.48
C ASP A 86 -18.32 7.77 15.95
N CYS A 87 -18.59 9.02 15.56
N CYS A 87 -18.57 8.97 15.46
CA CYS A 87 -17.65 9.86 14.83
CA CYS A 87 -17.48 9.76 14.89
C CYS A 87 -17.42 11.18 15.54
C CYS A 87 -17.39 11.12 15.55
N TYR A 88 -16.16 11.55 15.78
CA TYR A 88 -15.82 12.81 16.43
C TYR A 88 -15.19 13.76 15.41
N ASN A 89 -15.72 14.99 15.33
CA ASN A 89 -15.18 16.00 14.44
C ASN A 89 -14.39 17.03 15.23
N PRO A 90 -13.06 17.07 15.10
CA PRO A 90 -12.27 18.05 15.88
C PRO A 90 -12.61 19.49 15.56
N MET A 91 -13.22 19.76 14.39
N MET A 91 -13.20 19.76 14.39
CA MET A 91 -13.54 21.12 14.01
CA MET A 91 -13.54 21.12 14.02
C MET A 91 -14.73 21.65 14.80
C MET A 91 -14.76 21.66 14.76
N THR A 92 -15.60 20.77 15.27
CA THR A 92 -16.78 21.16 16.04
C THR A 92 -16.74 20.69 17.48
N ASN A 93 -15.82 19.77 17.81
CA ASN A 93 -15.77 19.15 19.13
C ASN A 93 -17.11 18.49 19.45
N GLN A 94 -17.68 17.82 18.46
CA GLN A 94 -18.96 17.13 18.62
C GLN A 94 -18.85 15.70 18.14
N TRP A 95 -19.48 14.79 18.89
CA TRP A 95 -19.69 13.42 18.46
C TRP A 95 -21.01 13.30 17.71
N SER A 96 -21.03 12.41 16.73
CA SER A 96 -22.31 12.05 16.10
C SER A 96 -22.31 10.56 15.81
N PRO A 97 -23.45 9.91 15.89
CA PRO A 97 -23.52 8.47 15.63
C PRO A 97 -23.45 8.17 14.15
N CYS A 98 -22.95 6.97 13.86
CA CYS A 98 -23.03 6.33 12.56
C CYS A 98 -23.91 5.08 12.64
N ALA A 99 -24.13 4.47 11.48
CA ALA A 99 -24.82 3.19 11.45
C ALA A 99 -24.02 2.17 12.24
N PRO A 100 -24.66 1.30 13.01
CA PRO A 100 -23.91 0.30 13.79
C PRO A 100 -23.51 -0.92 12.97
N MET A 101 -22.54 -1.66 13.53
CA MET A 101 -22.14 -2.94 12.97
C MET A 101 -23.26 -3.95 13.10
N SER A 102 -23.12 -5.08 12.37
CA SER A 102 -24.14 -6.12 12.41
C SER A 102 -24.23 -6.81 13.77
N VAL A 103 -23.14 -6.81 14.54
CA VAL A 103 -23.10 -7.47 15.85
CA VAL A 103 -23.07 -7.48 15.85
C VAL A 103 -22.25 -6.63 16.79
N PRO A 104 -22.52 -6.75 18.11
CA PRO A 104 -21.59 -6.13 19.07
C PRO A 104 -20.23 -6.79 19.00
N ARG A 105 -19.17 -5.99 19.21
CA ARG A 105 -17.80 -6.50 19.14
C ARG A 105 -17.01 -5.84 20.27
N ASN A 106 -16.91 -6.53 21.40
CA ASN A 106 -16.02 -6.11 22.48
C ASN A 106 -14.62 -6.65 22.22
N ARG A 107 -13.60 -5.86 22.56
CA ARG A 107 -12.19 -6.19 22.31
CA ARG A 107 -12.19 -6.19 22.31
C ARG A 107 -11.96 -6.44 20.83
N ILE A 108 -12.41 -5.48 20.03
CA ILE A 108 -12.35 -5.46 18.58
C ILE A 108 -10.98 -4.98 18.11
N GLY A 109 -10.62 -5.30 16.86
CA GLY A 109 -9.56 -4.59 16.15
C GLY A 109 -10.11 -3.98 14.88
N VAL A 110 -9.50 -2.88 14.42
CA VAL A 110 -9.94 -2.22 13.18
C VAL A 110 -8.75 -1.79 12.34
N GLY A 111 -8.98 -1.67 11.03
CA GLY A 111 -7.99 -1.11 10.13
C GLY A 111 -8.71 -0.38 9.01
N VAL A 112 -7.99 0.54 8.37
CA VAL A 112 -8.56 1.36 7.31
C VAL A 112 -7.87 1.04 6.00
N ILE A 113 -8.66 0.71 4.97
CA ILE A 113 -8.15 0.50 3.62
C ILE A 113 -9.00 1.30 2.65
N ASP A 114 -8.36 2.13 1.83
CA ASP A 114 -9.06 2.87 0.78
C ASP A 114 -10.25 3.65 1.34
N GLY A 115 -10.08 4.19 2.55
CA GLY A 115 -11.13 5.01 3.14
C GLY A 115 -12.30 4.24 3.74
N HIS A 116 -12.18 2.92 3.85
CA HIS A 116 -13.20 2.08 4.47
C HIS A 116 -12.66 1.49 5.77
N ILE A 117 -13.53 1.36 6.78
CA ILE A 117 -13.17 0.83 8.09
C ILE A 117 -13.50 -0.66 8.12
N TYR A 118 -12.51 -1.49 8.42
CA TYR A 118 -12.74 -2.92 8.61
C TYR A 118 -12.81 -3.22 10.09
N ALA A 119 -13.90 -3.84 10.52
CA ALA A 119 -14.05 -4.26 11.91
C ALA A 119 -13.83 -5.76 12.00
N VAL A 120 -12.94 -6.18 12.90
CA VAL A 120 -12.41 -7.55 12.93
C VAL A 120 -12.65 -8.19 14.30
N GLY A 121 -13.29 -9.36 14.32
CA GLY A 121 -13.28 -10.18 15.53
C GLY A 121 -14.04 -9.54 16.68
N GLY A 122 -13.54 -9.74 17.90
CA GLY A 122 -14.20 -9.24 19.10
C GLY A 122 -15.23 -10.24 19.61
N SER A 123 -15.89 -9.91 20.73
CA SER A 123 -16.82 -10.83 21.34
C SER A 123 -18.18 -10.17 21.52
N HIS A 124 -19.19 -11.01 21.60
CA HIS A 124 -20.54 -10.62 22.00
C HIS A 124 -21.00 -11.67 22.99
N GLY A 125 -21.00 -11.32 24.29
CA GLY A 125 -21.32 -12.34 25.28
C GLY A 125 -20.29 -13.46 25.19
N CYS A 126 -20.74 -14.69 25.07
N CYS A 126 -20.77 -14.68 25.06
CA CYS A 126 -19.83 -15.82 24.94
CA CYS A 126 -19.94 -15.87 24.93
C CYS A 126 -19.38 -16.05 23.49
C CYS A 126 -19.57 -16.17 23.48
N ILE A 127 -19.92 -15.30 22.54
CA ILE A 127 -19.60 -15.51 21.13
C ILE A 127 -18.28 -14.83 20.86
N HIS A 128 -17.31 -15.60 20.35
CA HIS A 128 -16.03 -15.06 19.89
C HIS A 128 -16.06 -15.05 18.37
N HIS A 129 -16.05 -13.85 17.79
CA HIS A 129 -16.29 -13.70 16.36
C HIS A 129 -15.07 -14.10 15.54
N ASN A 130 -15.30 -14.83 14.45
CA ASN A 130 -14.36 -14.79 13.33
C ASN A 130 -14.84 -13.87 12.22
N SER A 131 -16.02 -13.28 12.37
CA SER A 131 -16.58 -12.46 11.30
C SER A 131 -15.88 -11.11 11.21
N VAL A 132 -16.01 -10.51 10.03
CA VAL A 132 -15.39 -9.24 9.66
C VAL A 132 -16.38 -8.47 8.81
N GLU A 133 -16.45 -7.15 9.02
CA GLU A 133 -17.34 -6.33 8.22
C GLU A 133 -16.67 -5.00 7.90
N ARG A 134 -17.19 -4.35 6.87
CA ARG A 134 -16.56 -3.18 6.27
C ARG A 134 -17.53 -2.00 6.23
N TYR A 135 -17.06 -0.83 6.70
CA TYR A 135 -17.87 0.38 6.75
C TYR A 135 -17.45 1.34 5.64
N GLU A 136 -18.43 1.88 4.92
CA GLU A 136 -18.19 2.87 3.86
C GLU A 136 -18.70 4.22 4.33
N PRO A 137 -17.83 5.15 4.70
CA PRO A 137 -18.31 6.43 5.26
C PRO A 137 -19.18 7.23 4.30
N GLU A 138 -18.93 7.13 2.99
N GLU A 138 -18.92 7.16 3.00
CA GLU A 138 -19.65 7.90 1.99
CA GLU A 138 -19.71 7.95 2.06
C GLU A 138 -21.07 7.40 1.77
C GLU A 138 -21.15 7.51 2.06
N ARG A 139 -21.41 6.23 2.31
CA ARG A 139 -22.77 5.71 2.30
C ARG A 139 -23.32 5.47 3.70
N ASP A 140 -22.50 5.56 4.73
CA ASP A 140 -22.87 5.18 6.10
C ASP A 140 -23.50 3.79 6.15
N GLU A 141 -22.76 2.81 5.60
CA GLU A 141 -23.24 1.44 5.47
C GLU A 141 -22.15 0.45 5.85
N TRP A 142 -22.55 -0.61 6.55
CA TRP A 142 -21.69 -1.74 6.86
C TRP A 142 -22.09 -2.92 5.98
N HIS A 143 -21.10 -3.72 5.59
CA HIS A 143 -21.33 -4.93 4.81
C HIS A 143 -20.39 -6.03 5.29
N LEU A 144 -20.92 -7.23 5.45
CA LEU A 144 -20.06 -8.33 5.89
C LEU A 144 -19.10 -8.72 4.78
N VAL A 145 -17.88 -9.09 5.16
CA VAL A 145 -16.94 -9.68 4.21
C VAL A 145 -16.60 -11.09 4.67
N ALA A 146 -15.61 -11.71 4.03
CA ALA A 146 -15.26 -13.09 4.35
C ALA A 146 -14.77 -13.17 5.79
N PRO A 147 -15.20 -14.17 6.55
CA PRO A 147 -14.72 -14.30 7.93
C PRO A 147 -13.28 -14.81 7.98
N MET A 148 -12.63 -14.53 9.11
CA MET A 148 -11.28 -15.01 9.37
C MET A 148 -11.25 -16.53 9.52
N LEU A 149 -10.05 -17.09 9.37
CA LEU A 149 -9.84 -18.51 9.61
C LEU A 149 -9.94 -18.86 11.08
N THR A 150 -9.89 -17.86 11.96
CA THR A 150 -9.78 -18.03 13.40
C THR A 150 -10.74 -17.07 14.11
N ARG A 151 -11.41 -17.55 15.16
CA ARG A 151 -12.09 -16.62 16.05
C ARG A 151 -11.05 -15.87 16.88
N ARG A 152 -11.16 -14.54 16.96
CA ARG A 152 -10.13 -13.72 17.60
C ARG A 152 -10.76 -12.57 18.38
N ILE A 153 -10.64 -12.58 19.70
CA ILE A 153 -10.96 -11.40 20.49
C ILE A 153 -9.67 -10.87 21.12
N GLY A 154 -9.64 -9.56 21.35
CA GLY A 154 -8.38 -8.94 21.72
C GLY A 154 -7.37 -9.04 20.59
N VAL A 155 -7.84 -8.93 19.36
CA VAL A 155 -7.03 -9.07 18.16
C VAL A 155 -6.40 -7.73 17.80
N GLY A 156 -5.15 -7.75 17.36
CA GLY A 156 -4.50 -6.54 16.85
C GLY A 156 -4.62 -6.51 15.33
N VAL A 157 -4.79 -5.31 14.76
CA VAL A 157 -5.06 -5.19 13.34
C VAL A 157 -4.18 -4.09 12.77
N ALA A 158 -3.60 -4.35 11.59
CA ALA A 158 -2.78 -3.37 10.93
C ALA A 158 -2.95 -3.52 9.42
N VAL A 159 -2.67 -2.44 8.70
CA VAL A 159 -2.79 -2.45 7.24
C VAL A 159 -1.44 -2.15 6.63
N LEU A 160 -1.04 -3.00 5.69
CA LEU A 160 0.24 -2.85 5.00
C LEU A 160 0.01 -3.17 3.54
N ASN A 161 0.35 -2.23 2.66
CA ASN A 161 0.14 -2.38 1.21
C ASN A 161 -1.32 -2.72 0.90
N ARG A 162 -2.24 -2.07 1.61
N ARG A 162 -2.25 -2.07 1.58
CA ARG A 162 -3.67 -2.23 1.39
CA ARG A 162 -3.68 -2.23 1.33
C ARG A 162 -4.11 -3.69 1.54
C ARG A 162 -4.18 -3.64 1.65
N LEU A 163 -3.38 -4.42 2.39
CA LEU A 163 -3.80 -5.72 2.89
C LEU A 163 -4.04 -5.57 4.38
N LEU A 164 -5.04 -6.30 4.89
CA LEU A 164 -5.44 -6.24 6.28
C LEU A 164 -4.87 -7.44 7.02
N TYR A 165 -4.16 -7.19 8.12
CA TYR A 165 -3.56 -8.23 8.94
C TYR A 165 -4.24 -8.31 10.31
N ALA A 166 -4.61 -9.52 10.72
CA ALA A 166 -5.19 -9.75 12.03
C ALA A 166 -4.19 -10.58 12.82
N VAL A 167 -3.82 -10.12 14.02
CA VAL A 167 -2.62 -10.61 14.71
C VAL A 167 -2.99 -11.03 16.14
N GLY A 168 -2.70 -12.28 16.49
CA GLY A 168 -2.93 -12.65 17.88
C GLY A 168 -4.40 -12.71 18.27
N GLY A 169 -4.63 -12.57 19.58
CA GLY A 169 -5.98 -12.64 20.14
C GLY A 169 -6.24 -13.88 20.97
N PHE A 170 -7.52 -14.13 21.23
CA PHE A 170 -7.98 -15.23 22.08
C PHE A 170 -9.20 -15.84 21.39
N ASP A 171 -9.19 -17.16 21.19
CA ASP A 171 -10.28 -17.79 20.44
C ASP A 171 -11.38 -18.33 21.33
N GLY A 172 -11.35 -17.99 22.62
CA GLY A 172 -12.26 -18.54 23.60
C GLY A 172 -11.70 -19.70 24.38
N THR A 173 -10.63 -20.33 23.87
CA THR A 173 -9.99 -21.46 24.52
C THR A 173 -8.49 -21.22 24.59
N ASN A 174 -7.89 -20.81 23.47
CA ASN A 174 -6.45 -20.63 23.38
C ASN A 174 -6.13 -19.19 23.04
N ARG A 175 -5.08 -18.66 23.65
CA ARG A 175 -4.52 -17.42 23.11
C ARG A 175 -3.57 -17.75 21.97
N LEU A 176 -3.36 -16.76 21.11
CA LEU A 176 -2.87 -17.01 19.75
C LEU A 176 -1.58 -16.27 19.49
N ASN A 177 -0.63 -16.94 18.80
CA ASN A 177 0.44 -16.23 18.14
C ASN A 177 0.24 -16.15 16.63
N SER A 178 -0.81 -16.76 16.10
CA SER A 178 -1.00 -16.81 14.66
C SER A 178 -1.40 -15.43 14.13
N ALA A 179 -1.15 -15.23 12.86
CA ALA A 179 -1.58 -14.04 12.16
C ALA A 179 -2.08 -14.44 10.79
N GLU A 180 -3.05 -13.69 10.28
CA GLU A 180 -3.57 -13.95 8.94
C GLU A 180 -3.79 -12.64 8.21
N CYS A 181 -3.93 -12.76 6.90
CA CYS A 181 -3.88 -11.61 6.01
C CYS A 181 -5.09 -11.67 5.09
N TYR A 182 -5.81 -10.56 4.98
CA TYR A 182 -7.02 -10.46 4.17
C TYR A 182 -6.71 -9.75 2.86
N TYR A 183 -7.01 -10.41 1.74
CA TYR A 183 -6.88 -9.81 0.41
C TYR A 183 -8.24 -9.27 -0.04
N PRO A 184 -8.47 -7.96 0.03
CA PRO A 184 -9.80 -7.44 -0.35
C PRO A 184 -10.23 -7.80 -1.76
N GLU A 185 -9.27 -7.91 -2.69
CA GLU A 185 -9.63 -8.21 -4.08
C GLU A 185 -10.11 -9.64 -4.24
N ARG A 186 -9.57 -10.57 -3.45
CA ARG A 186 -10.02 -11.95 -3.50
C ARG A 186 -11.12 -12.24 -2.49
N ASN A 187 -11.35 -11.35 -1.54
CA ASN A 187 -12.23 -11.58 -0.40
C ASN A 187 -11.90 -12.92 0.26
N GLU A 188 -10.68 -13.00 0.77
CA GLU A 188 -10.13 -14.28 1.21
C GLU A 188 -9.05 -14.00 2.24
N TRP A 189 -9.03 -14.81 3.30
CA TRP A 189 -8.00 -14.74 4.32
C TRP A 189 -6.97 -15.85 4.11
N ARG A 190 -5.73 -15.54 4.46
CA ARG A 190 -4.66 -16.51 4.32
C ARG A 190 -3.72 -16.37 5.51
N MET A 191 -3.34 -17.51 6.09
CA MET A 191 -2.43 -17.52 7.21
C MET A 191 -1.06 -17.02 6.79
N ILE A 192 -0.39 -16.30 7.68
CA ILE A 192 1.01 -15.94 7.48
C ILE A 192 1.87 -16.55 8.57
N THR A 193 3.15 -16.18 8.60
CA THR A 193 4.05 -16.62 9.66
C THR A 193 3.56 -16.15 11.02
N ALA A 194 3.54 -17.05 11.99
CA ALA A 194 3.08 -16.71 13.33
C ALA A 194 4.15 -15.90 14.06
N MET A 195 3.70 -15.08 15.03
CA MET A 195 4.62 -14.34 15.89
C MET A 195 5.45 -15.30 16.73
N ASN A 196 6.59 -14.80 17.21
CA ASN A 196 7.36 -15.56 18.16
C ASN A 196 6.58 -15.82 19.45
N THR A 197 5.70 -14.90 19.83
CA THR A 197 5.06 -14.90 21.15
C THR A 197 3.54 -14.88 21.04
N ILE A 198 2.90 -15.70 21.86
CA ILE A 198 1.44 -15.67 21.98
C ILE A 198 1.02 -14.37 22.67
N ARG A 199 0.07 -13.64 22.07
CA ARG A 199 -0.38 -12.36 22.60
C ARG A 199 -1.86 -12.15 22.36
N SER A 200 -2.62 -11.93 23.43
CA SER A 200 -3.95 -11.36 23.32
CA SER A 200 -3.97 -11.39 23.38
C SER A 200 -3.94 -9.99 23.98
N GLY A 201 -4.69 -9.07 23.38
CA GLY A 201 -4.70 -7.70 23.90
C GLY A 201 -3.40 -6.93 23.69
N ALA A 202 -2.64 -7.29 22.65
CA ALA A 202 -1.44 -6.55 22.29
C ALA A 202 -1.83 -5.28 21.55
N GLY A 203 -0.89 -4.34 21.46
CA GLY A 203 -1.04 -3.21 20.57
C GLY A 203 -0.34 -3.53 19.25
N VAL A 204 -1.07 -3.35 18.15
CA VAL A 204 -0.56 -3.69 16.83
C VAL A 204 -0.71 -2.47 15.92
N CYS A 205 0.36 -2.13 15.21
CA CYS A 205 0.36 -0.95 14.35
C CYS A 205 1.38 -1.14 13.25
N VAL A 206 1.37 -0.23 12.28
N VAL A 206 1.38 -0.21 12.29
CA VAL A 206 2.32 -0.24 11.18
CA VAL A 206 2.31 -0.21 11.17
C VAL A 206 3.21 0.99 11.30
C VAL A 206 3.20 1.00 11.27
N LEU A 207 4.51 0.80 11.10
CA LEU A 207 5.48 1.89 11.11
C LEU A 207 6.58 1.58 10.11
N HIS A 208 6.84 2.51 9.19
CA HIS A 208 7.91 2.35 8.21
C HIS A 208 7.81 0.98 7.52
N ASN A 209 6.59 0.62 7.12
CA ASN A 209 6.32 -0.58 6.33
C ASN A 209 6.66 -1.86 7.07
N CYS A 210 6.52 -1.86 8.40
CA CYS A 210 6.58 -3.07 9.19
C CYS A 210 5.41 -3.07 10.15
N ILE A 211 4.90 -4.26 10.47
CA ILE A 211 3.88 -4.42 11.50
C ILE A 211 4.58 -4.65 12.82
N TYR A 212 4.22 -3.87 13.84
CA TYR A 212 4.72 -4.07 15.20
C TYR A 212 3.63 -4.65 16.08
N ALA A 213 4.00 -5.60 16.94
CA ALA A 213 3.09 -6.12 17.96
C ALA A 213 3.78 -5.92 19.31
N ALA A 214 3.14 -5.18 20.22
CA ALA A 214 3.76 -4.79 21.48
C ALA A 214 2.89 -5.24 22.64
N GLY A 215 3.50 -5.91 23.62
CA GLY A 215 2.72 -6.16 24.82
C GLY A 215 1.69 -7.24 24.62
N GLY A 216 0.67 -7.21 25.48
CA GLY A 216 -0.38 -8.22 25.46
C GLY A 216 -0.27 -9.18 26.64
N TYR A 217 -1.03 -10.26 26.55
CA TYR A 217 -1.14 -11.27 27.60
C TYR A 217 -1.05 -12.65 26.97
N ASP A 218 -0.28 -13.56 27.57
CA ASP A 218 -0.11 -14.87 26.95
C ASP A 218 -0.82 -15.98 27.72
N GLY A 219 -1.73 -15.63 28.64
CA GLY A 219 -2.36 -16.61 29.51
C GLY A 219 -1.62 -16.87 30.80
N GLN A 220 -0.39 -16.36 30.94
CA GLN A 220 0.35 -16.47 32.20
C GLN A 220 0.84 -15.11 32.64
N ASP A 221 1.49 -14.36 31.75
CA ASP A 221 2.07 -13.07 32.09
C ASP A 221 1.61 -11.98 31.14
N GLN A 222 1.50 -10.76 31.66
CA GLN A 222 1.46 -9.60 30.77
C GLN A 222 2.87 -9.37 30.26
N LEU A 223 2.97 -8.82 29.06
CA LEU A 223 4.21 -8.85 28.30
C LEU A 223 4.77 -7.46 28.08
N ASN A 224 6.10 -7.37 28.08
CA ASN A 224 6.74 -6.14 27.62
C ASN A 224 7.47 -6.31 26.29
N SER A 225 7.51 -7.51 25.73
CA SER A 225 8.27 -7.70 24.50
C SER A 225 7.52 -7.11 23.30
N VAL A 226 8.29 -6.82 22.26
CA VAL A 226 7.80 -6.15 21.06
C VAL A 226 8.47 -6.83 19.87
N GLU A 227 7.68 -7.20 18.87
CA GLU A 227 8.25 -7.79 17.67
C GLU A 227 7.66 -7.15 16.42
N ARG A 228 8.37 -7.34 15.32
CA ARG A 228 8.15 -6.58 14.11
C ARG A 228 8.15 -7.52 12.92
N TYR A 229 7.11 -7.42 12.08
CA TYR A 229 6.97 -8.28 10.90
C TYR A 229 7.46 -7.55 9.66
N ASP A 230 8.36 -8.19 8.91
CA ASP A 230 8.85 -7.66 7.64
C ASP A 230 8.19 -8.47 6.52
N VAL A 231 7.34 -7.82 5.73
CA VAL A 231 6.62 -8.55 4.69
C VAL A 231 7.57 -9.05 3.61
N ALA A 232 8.66 -8.32 3.36
CA ALA A 232 9.62 -8.74 2.34
C ALA A 232 10.31 -10.05 2.72
N THR A 233 10.52 -10.30 4.02
CA THR A 233 11.16 -11.51 4.48
C THR A 233 10.20 -12.48 5.16
N ALA A 234 8.95 -12.08 5.38
CA ALA A 234 7.95 -12.91 6.06
C ALA A 234 8.44 -13.43 7.40
N THR A 235 9.15 -12.58 8.14
CA THR A 235 9.76 -12.95 9.40
C THR A 235 9.35 -11.95 10.48
N TRP A 236 9.12 -12.47 11.69
CA TRP A 236 8.93 -11.62 12.88
C TRP A 236 10.24 -11.54 13.64
N THR A 237 10.64 -10.33 14.02
CA THR A 237 11.90 -10.12 14.71
C THR A 237 11.65 -9.31 15.98
N PHE A 238 12.21 -9.73 17.10
CA PHE A 238 12.08 -8.94 18.33
C PHE A 238 12.84 -7.62 18.21
N VAL A 239 12.26 -6.55 18.75
CA VAL A 239 13.02 -5.31 18.95
C VAL A 239 13.12 -5.02 20.44
N ALA A 240 13.49 -3.80 20.81
CA ALA A 240 13.63 -3.45 22.22
C ALA A 240 12.29 -3.62 22.93
N PRO A 241 12.27 -4.16 24.14
CA PRO A 241 11.01 -4.29 24.88
C PRO A 241 10.62 -2.98 25.55
N MET A 242 9.32 -2.87 25.83
CA MET A 242 8.82 -1.72 26.56
C MET A 242 9.36 -1.73 27.99
N LYS A 243 9.31 -0.55 28.63
CA LYS A 243 9.73 -0.48 30.03
C LYS A 243 8.77 -1.22 30.95
N HIS A 244 7.47 -1.19 30.65
N HIS A 244 7.46 -1.11 30.70
CA HIS A 244 6.44 -1.70 31.55
CA HIS A 244 6.47 -1.73 31.58
C HIS A 244 5.58 -2.71 30.82
C HIS A 244 5.64 -2.74 30.80
N ARG A 245 5.48 -3.92 31.38
CA ARG A 245 4.58 -4.92 30.81
C ARG A 245 3.14 -4.41 30.82
N ARG A 246 2.38 -4.75 29.79
CA ARG A 246 1.01 -4.24 29.73
C ARG A 246 0.22 -5.02 28.71
N SER A 247 -1.04 -5.29 29.06
N SER A 247 -1.04 -5.28 29.05
CA SER A 247 -2.03 -5.84 28.16
CA SER A 247 -2.03 -5.83 28.13
C SER A 247 -3.18 -4.84 28.01
C SER A 247 -3.19 -4.86 28.02
N ALA A 248 -3.91 -4.96 26.91
CA ALA A 248 -5.05 -4.08 26.61
C ALA A 248 -4.59 -2.63 26.56
N LEU A 249 -3.43 -2.43 25.96
CA LEU A 249 -2.88 -1.09 25.75
C LEU A 249 -3.50 -0.49 24.49
N GLY A 250 -3.45 0.83 24.40
CA GLY A 250 -3.74 1.54 23.17
C GLY A 250 -2.42 1.81 22.48
N ILE A 251 -2.44 1.88 21.15
CA ILE A 251 -1.23 2.12 20.38
C ILE A 251 -1.54 3.00 19.17
N THR A 252 -0.59 3.83 18.79
CA THR A 252 -0.71 4.60 17.55
C THR A 252 0.67 5.05 17.11
N VAL A 253 0.73 5.61 15.90
CA VAL A 253 1.95 6.17 15.34
C VAL A 253 1.74 7.67 15.15
N HIS A 254 2.71 8.45 15.63
CA HIS A 254 2.70 9.90 15.44
C HIS A 254 4.10 10.33 15.03
N GLN A 255 4.21 10.99 13.88
CA GLN A 255 5.48 11.52 13.37
C GLN A 255 6.61 10.49 13.45
N GLY A 256 6.33 9.28 12.95
CA GLY A 256 7.38 8.29 12.81
C GLY A 256 7.76 7.57 14.09
N ARG A 257 6.98 7.71 15.15
CA ARG A 257 7.27 7.00 16.40
C ARG A 257 6.01 6.34 16.91
N ILE A 258 6.18 5.21 17.59
CA ILE A 258 5.06 4.49 18.18
C ILE A 258 4.81 5.01 19.58
N TYR A 259 3.53 5.18 19.92
CA TYR A 259 3.11 5.54 21.27
C TYR A 259 2.20 4.45 21.81
N VAL A 260 2.49 3.94 23.01
CA VAL A 260 1.61 2.98 23.70
C VAL A 260 1.05 3.66 24.94
N LEU A 261 -0.25 3.47 25.17
CA LEU A 261 -0.99 4.20 26.21
C LEU A 261 -1.67 3.25 27.17
N GLY A 262 -1.33 3.35 28.45
CA GLY A 262 -2.12 2.66 29.44
C GLY A 262 -2.02 1.14 29.34
N GLY A 263 -3.10 0.49 29.73
CA GLY A 263 -3.11 -0.96 29.79
C GLY A 263 -3.15 -1.46 31.23
N TYR A 264 -2.90 -2.76 31.36
CA TYR A 264 -3.07 -3.46 32.64
C TYR A 264 -1.90 -4.39 32.81
N ASP A 265 -1.28 -4.38 34.00
CA ASP A 265 -0.09 -5.19 34.24
C ASP A 265 -0.31 -6.29 35.26
N GLY A 266 -1.55 -6.75 35.45
CA GLY A 266 -1.83 -7.75 36.44
C GLY A 266 -2.09 -7.20 37.82
N HIS A 267 -1.85 -5.90 38.03
CA HIS A 267 -1.97 -5.30 39.34
C HIS A 267 -2.68 -3.94 39.29
N THR A 268 -2.28 -3.12 38.34
CA THR A 268 -2.84 -1.77 38.25
C THR A 268 -3.22 -1.43 36.83
N PHE A 269 -4.12 -0.47 36.71
CA PHE A 269 -4.47 0.10 35.42
C PHE A 269 -3.52 1.27 35.17
N LEU A 270 -2.68 1.14 34.15
CA LEU A 270 -1.54 2.03 33.99
C LEU A 270 -1.97 3.35 33.39
N ASP A 271 -1.27 4.43 33.80
CA ASP A 271 -1.39 5.70 33.10
C ASP A 271 -0.14 6.04 32.28
N SER A 272 0.88 5.19 32.36
CA SER A 272 2.11 5.37 31.60
C SER A 272 1.89 5.42 30.10
N VAL A 273 2.58 6.35 29.45
CA VAL A 273 2.64 6.42 27.98
C VAL A 273 4.11 6.29 27.59
N GLU A 274 4.43 5.30 26.75
CA GLU A 274 5.79 5.09 26.27
C GLU A 274 5.86 5.35 24.77
N CYS A 275 7.07 5.75 24.33
CA CYS A 275 7.34 6.15 22.94
C CYS A 275 8.52 5.38 22.38
N TYR A 276 8.32 4.72 21.23
CA TYR A 276 9.38 3.98 20.55
C TYR A 276 9.97 4.80 19.40
N ASP A 277 11.30 4.97 19.43
CA ASP A 277 12.05 5.59 18.34
C ASP A 277 12.70 4.49 17.51
N PRO A 278 12.26 4.26 16.27
CA PRO A 278 12.85 3.17 15.47
C PRO A 278 14.30 3.41 15.12
N ASP A 279 14.73 4.67 14.97
CA ASP A 279 16.11 4.96 14.59
C ASP A 279 17.09 4.51 15.67
N THR A 280 16.72 4.65 16.94
CA THR A 280 17.60 4.26 18.04
C THR A 280 17.18 2.93 18.67
N ASP A 281 16.04 2.36 18.29
CA ASP A 281 15.51 1.14 18.90
C ASP A 281 15.42 1.29 20.41
N THR A 282 14.81 2.38 20.87
N THR A 282 14.82 2.40 20.85
CA THR A 282 14.69 2.66 22.29
CA THR A 282 14.65 2.68 22.26
C THR A 282 13.29 3.14 22.63
C THR A 282 13.19 2.99 22.55
N TRP A 283 12.80 2.70 23.79
CA TRP A 283 11.53 3.15 24.35
C TRP A 283 11.82 4.18 25.43
N SER A 284 11.00 5.23 25.48
CA SER A 284 11.07 6.28 26.48
C SER A 284 9.66 6.52 27.03
N GLU A 285 9.57 6.81 28.32
CA GLU A 285 8.31 7.20 28.94
C GLU A 285 8.14 8.70 28.78
N VAL A 286 7.07 9.15 28.11
CA VAL A 286 6.99 10.55 27.73
C VAL A 286 5.91 11.32 28.50
N THR A 287 4.81 10.70 28.92
CA THR A 287 3.80 11.41 29.68
C THR A 287 3.04 10.40 30.54
N ARG A 288 2.12 10.92 31.34
N ARG A 288 2.07 10.89 31.30
CA ARG A 288 1.11 10.10 32.00
CA ARG A 288 1.15 10.02 32.03
C ARG A 288 -0.27 10.59 31.58
C ARG A 288 -0.27 10.53 31.82
N MET A 289 -1.17 9.65 31.38
CA MET A 289 -2.57 10.00 31.19
C MET A 289 -3.12 10.59 32.49
N THR A 290 -4.20 11.35 32.40
CA THR A 290 -4.74 11.99 33.60
C THR A 290 -5.27 10.97 34.60
N SER A 291 -5.58 9.75 34.15
CA SER A 291 -5.91 8.64 35.05
C SER A 291 -5.62 7.32 34.35
N GLY A 292 -5.23 6.30 35.14
CA GLY A 292 -4.91 5.02 34.55
C GLY A 292 -6.14 4.34 33.98
N ARG A 293 -5.94 3.55 32.92
CA ARG A 293 -7.06 2.92 32.20
C ARG A 293 -6.49 1.90 31.22
N SER A 294 -7.32 0.91 30.87
CA SER A 294 -6.98 -0.06 29.84
C SER A 294 -8.09 -0.06 28.79
N GLY A 295 -7.81 -0.73 27.66
CA GLY A 295 -8.89 -0.94 26.70
C GLY A 295 -9.36 0.34 26.01
N VAL A 296 -8.45 1.30 25.77
CA VAL A 296 -8.82 2.56 25.08
C VAL A 296 -8.78 2.35 23.56
N GLY A 297 -9.44 3.27 22.85
CA GLY A 297 -9.25 3.42 21.40
C GLY A 297 -8.40 4.67 21.19
N VAL A 298 -7.43 4.58 20.29
CA VAL A 298 -6.42 5.63 20.09
CA VAL A 298 -6.48 5.68 20.08
C VAL A 298 -6.24 5.89 18.60
N ALA A 299 -6.15 7.16 18.19
CA ALA A 299 -5.84 7.51 16.82
C ALA A 299 -5.30 8.94 16.77
N VAL A 300 -4.78 9.32 15.60
CA VAL A 300 -4.13 10.61 15.42
C VAL A 300 -4.86 11.42 14.35
N THR A 301 -5.19 12.67 14.66
CA THR A 301 -5.73 13.57 13.65
C THR A 301 -5.48 15.03 14.08
N MET A 302 -6.01 15.96 13.27
CA MET A 302 -5.77 17.39 13.48
CA MET A 302 -5.76 17.38 13.49
C MET A 302 -6.23 17.83 14.87
N GLU A 303 -5.57 18.85 15.40
CA GLU A 303 -5.96 19.37 16.70
C GLU A 303 -7.30 20.11 16.57
N PRO A 304 -8.07 20.20 17.66
CA PRO A 304 -9.42 20.78 17.55
C PRO A 304 -9.36 22.28 17.33
N SER A 305 -10.42 22.79 16.70
CA SER A 305 -10.57 24.22 16.49
C SER A 305 -10.98 24.90 17.80
N ARG A 306 -10.34 26.03 18.09
CA ARG A 306 -10.63 26.78 19.31
C ARG A 306 -11.62 27.91 19.02
N ARG B 18 -6.11 12.86 -10.02
N ARG B 18 -5.96 13.14 -10.15
CA ARG B 18 -4.96 12.37 -10.78
CA ARG B 18 -4.95 12.27 -10.76
C ARG B 18 -5.40 11.74 -12.10
C ARG B 18 -5.42 11.75 -12.12
N LEU B 19 -4.58 11.89 -13.14
CA LEU B 19 -4.86 11.38 -14.48
C LEU B 19 -3.77 10.41 -14.92
N ILE B 20 -4.05 9.71 -16.01
CA ILE B 20 -3.10 8.75 -16.60
C ILE B 20 -2.56 9.34 -17.89
N TYR B 21 -1.28 9.68 -17.89
CA TYR B 21 -0.63 10.30 -19.03
C TYR B 21 0.08 9.24 -19.87
N THR B 22 0.00 9.39 -21.19
CA THR B 22 0.77 8.57 -22.12
C THR B 22 1.71 9.49 -22.90
N ALA B 23 2.99 9.12 -22.94
CA ALA B 23 4.04 9.94 -23.52
C ALA B 23 4.77 9.16 -24.60
N GLY B 24 5.11 9.84 -25.68
CA GLY B 24 5.86 9.20 -26.75
C GLY B 24 5.07 8.08 -27.43
N GLY B 25 5.81 7.16 -28.01
CA GLY B 25 5.25 6.05 -28.76
C GLY B 25 5.73 6.04 -30.19
N TYR B 26 5.21 5.08 -30.96
CA TYR B 26 5.64 4.90 -32.33
C TYR B 26 4.47 4.56 -33.24
N PHE B 27 4.41 5.24 -34.38
CA PHE B 27 3.55 4.86 -35.49
C PHE B 27 4.16 5.48 -36.74
N ARG B 28 4.76 4.63 -37.59
CA ARG B 28 5.53 5.07 -38.76
C ARG B 28 6.80 5.83 -38.37
N GLN B 29 6.83 6.47 -37.21
CA GLN B 29 8.06 7.04 -36.64
C GLN B 29 7.81 7.29 -35.16
N SER B 30 8.89 7.54 -34.41
CA SER B 30 8.74 7.86 -32.99
C SER B 30 7.95 9.15 -32.83
N LEU B 31 7.27 9.30 -31.69
CA LEU B 31 6.29 10.36 -31.51
C LEU B 31 6.61 11.23 -30.29
N SER B 32 6.04 12.44 -30.30
CA SER B 32 6.23 13.39 -29.21
C SER B 32 4.95 13.66 -28.43
N TYR B 33 3.89 12.88 -28.69
CA TYR B 33 2.60 13.11 -28.04
C TYR B 33 2.68 13.01 -26.54
N LEU B 34 2.04 13.94 -25.83
CA LEU B 34 1.74 13.76 -24.42
C LEU B 34 0.25 14.02 -24.23
N GLU B 35 -0.47 12.97 -23.82
CA GLU B 35 -1.90 13.05 -23.59
C GLU B 35 -2.23 12.44 -22.23
N ALA B 36 -3.17 13.08 -21.52
CA ALA B 36 -3.65 12.56 -20.25
C ALA B 36 -5.11 12.15 -20.39
N TYR B 37 -5.50 11.14 -19.63
CA TYR B 37 -6.84 10.58 -19.70
C TYR B 37 -7.53 10.63 -18.35
N ASN B 38 -8.84 10.92 -18.37
CA ASN B 38 -9.66 10.96 -17.17
C ASN B 38 -10.58 9.74 -17.14
N PRO B 39 -10.27 8.72 -16.33
CA PRO B 39 -11.17 7.55 -16.24
C PRO B 39 -12.57 7.90 -15.78
N SER B 40 -12.73 8.98 -15.02
CA SER B 40 -14.07 9.40 -14.62
C SER B 40 -14.81 10.05 -15.80
N ASP B 41 -14.14 10.92 -16.53
CA ASP B 41 -14.78 11.63 -17.64
C ASP B 41 -14.81 10.81 -18.92
N GLY B 42 -13.80 9.99 -19.16
CA GLY B 42 -13.57 9.49 -20.49
C GLY B 42 -12.97 10.52 -21.42
N THR B 43 -12.59 11.69 -20.90
CA THR B 43 -12.05 12.76 -21.71
C THR B 43 -10.56 12.54 -21.99
N TRP B 44 -10.13 12.90 -23.19
CA TRP B 44 -8.73 12.91 -23.57
C TRP B 44 -8.29 14.35 -23.77
N LEU B 45 -7.22 14.75 -23.07
CA LEU B 45 -6.61 16.05 -23.24
C LEU B 45 -5.23 15.89 -23.85
N ARG B 46 -4.90 16.74 -24.82
CA ARG B 46 -3.56 16.75 -25.40
C ARG B 46 -2.76 17.88 -24.78
N LEU B 47 -1.60 17.54 -24.23
CA LEU B 47 -0.77 18.44 -23.47
C LEU B 47 0.49 18.75 -24.27
N ALA B 48 1.47 19.37 -23.60
CA ALA B 48 2.70 19.81 -24.27
C ALA B 48 3.44 18.63 -24.89
N ASP B 49 3.97 18.85 -26.09
CA ASP B 49 4.75 17.83 -26.76
C ASP B 49 6.10 17.64 -26.08
N LEU B 50 6.59 16.40 -26.10
CA LEU B 50 7.98 16.14 -25.73
C LEU B 50 8.90 16.97 -26.61
N GLN B 51 10.03 17.41 -26.03
CA GLN B 51 11.02 18.16 -26.80
C GLN B 51 11.55 17.31 -27.96
N VAL B 52 11.82 16.04 -27.69
CA VAL B 52 12.37 15.11 -28.67
C VAL B 52 11.41 13.92 -28.77
N PRO B 53 11.06 13.47 -29.98
CA PRO B 53 10.22 12.28 -30.11
C PRO B 53 10.91 11.06 -29.53
N ARG B 54 10.13 10.14 -28.98
CA ARG B 54 10.76 8.93 -28.50
C ARG B 54 9.73 7.81 -28.38
N SER B 55 10.16 6.61 -28.73
CA SER B 55 9.44 5.37 -28.49
C SER B 55 10.34 4.42 -27.72
N GLY B 56 9.73 3.42 -27.08
CA GLY B 56 10.51 2.51 -26.27
C GLY B 56 10.95 3.09 -24.96
N LEU B 57 10.31 4.19 -24.54
CA LEU B 57 10.61 4.83 -23.28
C LEU B 57 9.72 4.26 -22.18
N ALA B 58 10.00 4.68 -20.96
CA ALA B 58 9.13 4.41 -19.83
C ALA B 58 8.84 5.71 -19.11
N GLY B 59 7.74 5.72 -18.36
CA GLY B 59 7.37 6.86 -17.54
C GLY B 59 7.24 6.50 -16.07
N CYS B 60 7.34 7.51 -15.21
CA CYS B 60 7.13 7.33 -13.78
C CYS B 60 6.85 8.71 -13.19
N VAL B 61 6.38 8.71 -11.95
N VAL B 61 6.40 8.72 -11.94
CA VAL B 61 6.03 9.94 -11.24
CA VAL B 61 6.01 9.94 -11.24
C VAL B 61 6.79 9.99 -9.93
C VAL B 61 6.74 10.00 -9.91
N VAL B 62 7.30 11.17 -9.59
CA VAL B 62 8.00 11.38 -8.33
C VAL B 62 7.80 12.82 -7.90
N GLY B 63 7.27 13.03 -6.71
CA GLY B 63 6.91 14.37 -6.30
C GLY B 63 5.87 15.02 -7.20
N GLY B 64 4.90 14.24 -7.65
CA GLY B 64 3.89 14.72 -8.58
C GLY B 64 4.40 15.13 -9.94
N LEU B 65 5.69 15.01 -10.21
CA LEU B 65 6.25 15.36 -11.50
C LEU B 65 6.44 14.10 -12.35
N LEU B 66 6.12 14.21 -13.64
CA LEU B 66 6.16 13.08 -14.56
C LEU B 66 7.50 13.03 -15.27
N TYR B 67 8.16 11.87 -15.22
CA TYR B 67 9.45 11.70 -15.86
C TYR B 67 9.34 10.78 -17.07
N ALA B 68 10.00 11.16 -18.16
CA ALA B 68 10.16 10.31 -19.35
C ALA B 68 11.62 9.89 -19.44
N VAL B 69 11.84 8.58 -19.61
CA VAL B 69 13.14 7.97 -19.40
C VAL B 69 13.48 7.10 -20.60
N GLY B 70 14.61 7.38 -21.23
CA GLY B 70 15.11 6.47 -22.25
C GLY B 70 14.30 6.50 -23.54
N GLY B 71 14.35 5.38 -24.25
CA GLY B 71 13.70 5.23 -25.55
C GLY B 71 14.66 5.48 -26.70
N ARG B 72 14.08 5.83 -27.85
CA ARG B 72 14.89 6.19 -29.01
C ARG B 72 14.01 6.99 -29.95
N ASN B 73 14.66 7.79 -30.82
CA ASN B 73 13.98 8.54 -31.87
C ASN B 73 14.26 7.84 -33.21
N ASN B 74 13.32 6.98 -33.61
CA ASN B 74 13.36 6.24 -34.88
C ASN B 74 12.60 7.08 -35.89
N SER B 75 13.31 7.75 -36.79
CA SER B 75 12.73 8.72 -37.71
C SER B 75 13.25 8.47 -39.12
N PRO B 76 12.71 9.16 -40.12
CA PRO B 76 13.21 8.96 -41.49
C PRO B 76 14.68 9.36 -41.67
N ASP B 77 15.29 10.04 -40.70
CA ASP B 77 16.66 10.51 -40.84
C ASP B 77 17.59 9.99 -39.74
N GLY B 78 17.13 9.08 -38.90
CA GLY B 78 18.01 8.57 -37.86
C GLY B 78 17.30 7.54 -37.01
N ASN B 79 18.05 7.04 -36.02
CA ASN B 79 17.56 6.01 -35.12
C ASN B 79 18.34 6.06 -33.82
N THR B 80 18.21 7.16 -33.10
CA THR B 80 19.13 7.50 -32.01
C THR B 80 18.57 7.02 -30.67
N ASP B 81 19.27 6.10 -30.02
CA ASP B 81 18.89 5.68 -28.68
C ASP B 81 19.08 6.81 -27.70
N SER B 82 18.22 6.86 -26.69
CA SER B 82 18.15 8.04 -25.82
C SER B 82 18.64 7.73 -24.41
N SER B 83 19.52 8.58 -23.89
CA SER B 83 19.89 8.55 -22.48
C SER B 83 19.16 9.63 -21.69
N ALA B 84 18.15 10.25 -22.29
CA ALA B 84 17.53 11.46 -21.76
C ALA B 84 16.55 11.14 -20.64
N LEU B 85 16.43 12.09 -19.71
CA LEU B 85 15.41 12.10 -18.68
C LEU B 85 14.73 13.46 -18.72
N ASP B 86 13.45 13.48 -19.11
CA ASP B 86 12.67 14.72 -19.16
C ASP B 86 11.61 14.69 -18.07
N CYS B 87 11.23 15.87 -17.60
CA CYS B 87 10.28 15.98 -16.50
C CYS B 87 9.15 16.92 -16.90
N TYR B 88 7.92 16.43 -16.82
CA TYR B 88 6.73 17.22 -17.14
C TYR B 88 6.07 17.68 -15.85
N ASN B 89 5.86 19.01 -15.73
CA ASN B 89 5.21 19.58 -14.57
C ASN B 89 3.74 19.80 -14.88
N PRO B 90 2.82 19.06 -14.26
CA PRO B 90 1.40 19.24 -14.60
C PRO B 90 0.87 20.63 -14.28
N MET B 91 1.52 21.35 -13.36
CA MET B 91 1.06 22.70 -13.02
C MET B 91 1.43 23.71 -14.10
N THR B 92 2.52 23.48 -14.83
CA THR B 92 3.05 24.44 -15.78
C THR B 92 2.88 24.01 -17.23
N ASN B 93 2.55 22.75 -17.51
CA ASN B 93 2.52 22.21 -18.87
C ASN B 93 3.87 22.43 -19.55
N GLN B 94 4.95 22.31 -18.78
CA GLN B 94 6.29 22.51 -19.31
C GLN B 94 7.17 21.31 -19.03
N TRP B 95 7.79 20.79 -20.09
CA TRP B 95 8.86 19.81 -19.94
C TRP B 95 10.15 20.52 -19.57
N SER B 96 10.98 19.84 -18.78
CA SER B 96 12.27 20.37 -18.36
C SER B 96 13.31 19.27 -18.45
N PRO B 97 14.49 19.57 -18.98
CA PRO B 97 15.53 18.53 -19.10
C PRO B 97 16.20 18.28 -17.75
N CYS B 98 16.26 17.02 -17.36
CA CYS B 98 17.02 16.61 -16.21
C CYS B 98 18.34 16.01 -16.68
N ALA B 99 19.16 15.60 -15.73
CA ALA B 99 20.45 15.02 -16.09
C ALA B 99 20.25 13.71 -16.85
N PRO B 100 21.00 13.48 -17.93
CA PRO B 100 20.84 12.23 -18.67
C PRO B 100 21.42 11.04 -17.92
N MET B 101 21.04 9.85 -18.39
CA MET B 101 21.53 8.61 -17.82
C MET B 101 22.97 8.37 -18.26
N SER B 102 23.62 7.42 -17.59
CA SER B 102 24.97 7.04 -17.95
C SER B 102 25.05 6.49 -19.37
N VAL B 103 24.02 5.76 -19.82
CA VAL B 103 24.00 5.17 -21.15
C VAL B 103 22.61 5.34 -21.75
N PRO B 104 22.51 5.31 -23.09
CA PRO B 104 21.19 5.27 -23.72
C PRO B 104 20.51 3.93 -23.47
N ARG B 105 19.18 3.97 -23.28
CA ARG B 105 18.40 2.78 -22.97
C ARG B 105 17.09 2.79 -23.76
N ASN B 106 17.10 2.14 -24.93
CA ASN B 106 15.89 1.88 -25.69
C ASN B 106 15.20 0.64 -25.13
N ARG B 107 13.87 0.68 -25.04
CA ARG B 107 13.09 -0.43 -24.46
C ARG B 107 13.53 -0.70 -23.02
N ILE B 108 13.59 0.39 -22.27
CA ILE B 108 13.93 0.42 -20.86
C ILE B 108 12.73 0.03 -20.00
N GLY B 109 13.02 -0.37 -18.76
CA GLY B 109 12.01 -0.46 -17.73
C GLY B 109 12.43 0.41 -16.56
N VAL B 110 11.45 0.96 -15.85
CA VAL B 110 11.77 1.85 -14.74
C VAL B 110 10.85 1.56 -13.57
N GLY B 111 11.37 1.81 -12.37
CA GLY B 111 10.59 1.80 -11.15
C GLY B 111 11.25 2.76 -10.19
N VAL B 112 10.51 3.14 -9.14
CA VAL B 112 11.01 4.11 -8.16
C VAL B 112 10.74 3.58 -6.76
N ILE B 113 11.77 3.57 -5.93
CA ILE B 113 11.65 3.24 -4.51
C ILE B 113 12.33 4.35 -3.73
N ASP B 114 11.63 4.87 -2.71
CA ASP B 114 12.16 5.91 -1.83
C ASP B 114 12.59 7.14 -2.62
N GLY B 115 11.78 7.52 -3.61
CA GLY B 115 12.03 8.73 -4.37
C GLY B 115 13.24 8.69 -5.28
N HIS B 116 13.74 7.50 -5.63
CA HIS B 116 14.93 7.35 -6.47
C HIS B 116 14.56 6.55 -7.71
N ILE B 117 14.66 7.18 -8.87
CA ILE B 117 14.27 6.53 -10.13
C ILE B 117 15.28 5.47 -10.50
N TYR B 118 14.81 4.23 -10.68
CA TYR B 118 15.66 3.13 -11.12
C TYR B 118 15.45 2.90 -12.61
N ALA B 119 16.53 3.03 -13.38
CA ALA B 119 16.51 2.76 -14.81
C ALA B 119 17.14 1.40 -15.04
N VAL B 120 16.40 0.52 -15.71
CA VAL B 120 16.72 -0.91 -15.77
C VAL B 120 16.86 -1.37 -17.21
N GLY B 121 18.03 -1.92 -17.55
CA GLY B 121 18.19 -2.63 -18.81
C GLY B 121 18.04 -1.75 -20.04
N GLY B 122 17.46 -2.31 -21.10
CA GLY B 122 17.33 -1.57 -22.35
C GLY B 122 18.57 -1.71 -23.21
N SER B 123 18.50 -1.15 -24.43
CA SER B 123 19.54 -1.34 -25.42
C SER B 123 20.12 -0.02 -25.91
N HIS B 124 21.37 -0.11 -26.38
CA HIS B 124 22.03 0.97 -27.13
C HIS B 124 22.74 0.30 -28.29
N GLY B 125 22.20 0.46 -29.50
CA GLY B 125 22.73 -0.30 -30.63
C GLY B 125 22.53 -1.78 -30.36
N CYS B 126 23.59 -2.56 -30.55
N CYS B 126 23.59 -2.57 -30.55
CA CYS B 126 23.56 -3.99 -30.30
CA CYS B 126 23.51 -4.00 -30.30
C CYS B 126 23.67 -4.34 -28.83
C CYS B 126 23.94 -4.36 -28.87
N ILE B 127 24.05 -3.39 -27.98
CA ILE B 127 24.35 -3.67 -26.58
C ILE B 127 23.03 -3.80 -25.82
N HIS B 128 22.81 -4.97 -25.21
CA HIS B 128 21.65 -5.19 -24.36
C HIS B 128 22.11 -5.11 -22.92
N HIS B 129 21.64 -4.10 -22.19
CA HIS B 129 22.20 -3.80 -20.88
C HIS B 129 21.71 -4.78 -19.83
N ASN B 130 22.62 -5.19 -18.95
CA ASN B 130 22.18 -5.68 -17.65
C ASN B 130 22.41 -4.63 -16.58
N SER B 131 22.98 -3.49 -16.95
N SER B 131 22.98 -3.49 -16.95
CA SER B 131 23.28 -2.45 -15.98
CA SER B 131 23.28 -2.43 -16.01
C SER B 131 22.00 -1.79 -15.49
C SER B 131 21.99 -1.77 -15.50
N VAL B 132 22.07 -1.24 -14.28
CA VAL B 132 20.98 -0.54 -13.63
C VAL B 132 21.56 0.71 -12.99
N GLU B 133 20.84 1.83 -13.08
CA GLU B 133 21.31 3.04 -12.43
C GLU B 133 20.16 3.75 -11.74
N ARG B 134 20.53 4.55 -10.75
CA ARG B 134 19.58 5.18 -9.84
C ARG B 134 19.68 6.70 -9.96
N TYR B 135 18.52 7.35 -10.10
CA TYR B 135 18.42 8.79 -10.19
C TYR B 135 17.98 9.35 -8.83
N GLU B 136 18.67 10.39 -8.36
CA GLU B 136 18.28 11.08 -7.14
C GLU B 136 17.80 12.48 -7.50
N PRO B 137 16.49 12.75 -7.47
CA PRO B 137 16.00 14.06 -7.94
C PRO B 137 16.51 15.25 -7.15
N GLU B 138 16.71 15.10 -5.84
CA GLU B 138 17.21 16.22 -5.04
C GLU B 138 18.62 16.59 -5.48
N ARG B 139 19.42 15.61 -5.87
CA ARG B 139 20.77 15.86 -6.37
C ARG B 139 20.87 15.85 -7.88
N ASP B 140 19.80 15.46 -8.59
CA ASP B 140 19.79 15.26 -10.04
C ASP B 140 21.10 14.67 -10.54
N GLU B 141 21.40 13.48 -10.01
CA GLU B 141 22.56 12.70 -10.40
C GLU B 141 22.11 11.26 -10.62
N TRP B 142 22.90 10.55 -11.43
CA TRP B 142 22.71 9.12 -11.63
C TRP B 142 23.92 8.39 -11.09
N HIS B 143 23.69 7.21 -10.52
CA HIS B 143 24.76 6.34 -10.05
C HIS B 143 24.41 4.91 -10.38
N LEU B 144 25.39 4.17 -10.88
CA LEU B 144 25.17 2.77 -11.24
C LEU B 144 25.05 1.94 -9.97
N VAL B 145 23.99 1.14 -9.90
CA VAL B 145 23.83 0.17 -8.83
C VAL B 145 24.22 -1.20 -9.37
N ALA B 146 23.92 -2.26 -8.63
CA ALA B 146 24.29 -3.59 -9.07
C ALA B 146 23.57 -3.95 -10.37
N PRO B 147 24.26 -4.55 -11.33
CA PRO B 147 23.59 -5.01 -12.55
C PRO B 147 22.72 -6.23 -12.27
N MET B 148 21.74 -6.42 -13.15
CA MET B 148 20.90 -7.60 -13.10
C MET B 148 21.70 -8.86 -13.42
N LEU B 149 21.16 -10.01 -13.03
CA LEU B 149 21.76 -11.27 -13.46
C LEU B 149 21.61 -11.50 -14.95
N THR B 150 20.74 -10.75 -15.62
CA THR B 150 20.35 -11.01 -16.99
C THR B 150 20.31 -9.70 -17.76
N ARG B 151 20.87 -9.71 -18.98
CA ARG B 151 20.66 -8.59 -19.89
C ARG B 151 19.20 -8.62 -20.34
N ARG B 152 18.53 -7.45 -20.31
CA ARG B 152 17.10 -7.44 -20.55
C ARG B 152 16.70 -6.13 -21.24
N ILE B 153 16.11 -6.25 -22.42
CA ILE B 153 15.41 -5.14 -23.04
C ILE B 153 13.97 -5.57 -23.22
N GLY B 154 13.07 -4.59 -23.40
CA GLY B 154 11.66 -4.96 -23.35
C GLY B 154 11.24 -5.55 -22.03
N VAL B 155 11.89 -5.12 -20.94
CA VAL B 155 11.74 -5.71 -19.61
C VAL B 155 10.62 -4.98 -18.88
N GLY B 156 9.80 -5.72 -18.15
CA GLY B 156 8.78 -5.12 -17.31
C GLY B 156 9.32 -4.90 -15.90
N VAL B 157 8.97 -3.77 -15.30
CA VAL B 157 9.53 -3.40 -14.01
C VAL B 157 8.41 -2.99 -13.07
N ALA B 158 8.48 -3.47 -11.83
CA ALA B 158 7.51 -3.12 -10.82
C ALA B 158 8.16 -3.15 -9.44
N VAL B 159 7.64 -2.35 -8.53
CA VAL B 159 8.18 -2.21 -7.18
C VAL B 159 7.12 -2.69 -6.21
N LEU B 160 7.54 -3.52 -5.25
CA LEU B 160 6.64 -4.14 -4.31
C LEU B 160 7.40 -4.34 -3.01
N ASN B 161 6.86 -3.80 -1.91
CA ASN B 161 7.48 -3.90 -0.59
C ASN B 161 8.88 -3.30 -0.61
N ARG B 162 9.06 -2.21 -1.36
CA ARG B 162 10.35 -1.54 -1.49
C ARG B 162 11.40 -2.44 -2.13
N LEU B 163 10.96 -3.43 -2.90
CA LEU B 163 11.84 -4.26 -3.69
C LEU B 163 11.51 -4.07 -5.17
N LEU B 164 12.53 -4.19 -6.00
CA LEU B 164 12.42 -3.89 -7.43
C LEU B 164 12.45 -5.18 -8.22
N TYR B 165 11.42 -5.40 -9.06
CA TYR B 165 11.31 -6.60 -9.87
C TYR B 165 11.50 -6.26 -11.33
N ALA B 166 12.32 -7.07 -12.01
CA ALA B 166 12.50 -7.02 -13.46
C ALA B 166 11.96 -8.32 -14.05
N VAL B 167 11.08 -8.21 -15.05
CA VAL B 167 10.25 -9.34 -15.44
C VAL B 167 10.33 -9.53 -16.96
N GLY B 168 10.72 -10.74 -17.40
CA GLY B 168 10.72 -11.02 -18.83
C GLY B 168 11.75 -10.19 -19.58
N GLY B 169 11.49 -10.01 -20.88
CA GLY B 169 12.34 -9.23 -21.75
C GLY B 169 13.08 -10.09 -22.77
N PHE B 170 14.16 -9.52 -23.31
CA PHE B 170 14.93 -10.10 -24.40
C PHE B 170 16.40 -9.82 -24.13
N ASP B 171 17.24 -10.86 -24.15
CA ASP B 171 18.66 -10.68 -23.82
C ASP B 171 19.54 -10.47 -25.03
N GLY B 172 18.95 -10.31 -26.21
CA GLY B 172 19.70 -10.23 -27.45
C GLY B 172 19.66 -11.50 -28.27
N THR B 173 19.29 -12.62 -27.65
CA THR B 173 19.29 -13.93 -28.31
C THR B 173 18.02 -14.69 -27.96
N ASN B 174 17.68 -14.70 -26.67
CA ASN B 174 16.52 -15.40 -26.17
C ASN B 174 15.52 -14.45 -25.53
N ARG B 175 14.23 -14.71 -25.74
CA ARG B 175 13.23 -14.04 -24.95
C ARG B 175 13.01 -14.83 -23.67
N LEU B 176 12.53 -14.13 -22.64
CA LEU B 176 12.69 -14.59 -21.27
C LEU B 176 11.35 -14.76 -20.57
N ASN B 177 11.21 -15.83 -19.79
CA ASN B 177 10.16 -15.90 -18.78
C ASN B 177 10.68 -15.65 -17.36
N SER B 178 12.00 -15.48 -17.20
CA SER B 178 12.55 -15.33 -15.86
C SER B 178 12.22 -13.95 -15.29
N ALA B 179 12.31 -13.85 -13.97
CA ALA B 179 12.14 -12.59 -13.26
C ALA B 179 13.12 -12.55 -12.11
N GLU B 180 13.59 -11.35 -11.78
CA GLU B 180 14.54 -11.21 -10.68
C GLU B 180 14.16 -10.01 -9.84
N CYS B 181 14.67 -10.00 -8.62
CA CYS B 181 14.24 -9.04 -7.62
C CYS B 181 15.46 -8.34 -7.03
N TYR B 182 15.40 -7.01 -6.94
CA TYR B 182 16.50 -6.20 -6.46
C TYR B 182 16.26 -5.80 -5.03
N TYR B 183 17.24 -6.06 -4.17
CA TYR B 183 17.17 -5.71 -2.75
C TYR B 183 18.07 -4.50 -2.50
N PRO B 184 17.49 -3.31 -2.30
CA PRO B 184 18.35 -2.12 -2.17
C PRO B 184 19.28 -2.16 -0.98
N GLU B 185 18.88 -2.79 0.13
CA GLU B 185 19.74 -2.79 1.31
C GLU B 185 20.94 -3.69 1.12
N ARG B 186 20.83 -4.71 0.27
CA ARG B 186 21.95 -5.61 -0.02
C ARG B 186 22.67 -5.26 -1.31
N ASN B 187 22.01 -4.54 -2.21
CA ASN B 187 22.56 -4.19 -3.52
C ASN B 187 22.93 -5.43 -4.32
N GLU B 188 21.98 -6.36 -4.43
CA GLU B 188 22.16 -7.49 -5.31
C GLU B 188 20.81 -7.96 -5.79
N TRP B 189 20.82 -8.74 -6.86
CA TRP B 189 19.62 -9.26 -7.48
C TRP B 189 19.45 -10.72 -7.11
N ARG B 190 18.20 -11.14 -6.93
CA ARG B 190 17.87 -12.54 -6.70
C ARG B 190 16.83 -12.97 -7.73
N MET B 191 17.10 -14.08 -8.41
CA MET B 191 16.10 -14.68 -9.29
C MET B 191 14.91 -15.14 -8.46
N ILE B 192 13.71 -15.04 -9.04
CA ILE B 192 12.52 -15.61 -8.42
C ILE B 192 11.90 -16.65 -9.35
N THR B 193 10.73 -17.17 -8.98
CA THR B 193 10.02 -18.11 -9.85
C THR B 193 9.76 -17.49 -11.21
N ALA B 194 10.00 -18.25 -12.27
CA ALA B 194 9.78 -17.78 -13.64
C ALA B 194 8.28 -17.76 -13.96
N MET B 195 7.89 -16.86 -14.86
CA MET B 195 6.52 -16.86 -15.36
C MET B 195 6.22 -18.15 -16.10
N ASN B 196 4.93 -18.43 -16.27
CA ASN B 196 4.56 -19.59 -17.08
C ASN B 196 4.83 -19.37 -18.56
N THR B 197 4.83 -18.12 -19.01
CA THR B 197 4.94 -17.76 -20.42
C THR B 197 6.15 -16.87 -20.66
N ILE B 198 6.91 -17.16 -21.73
CA ILE B 198 7.97 -16.23 -22.16
C ILE B 198 7.34 -14.94 -22.66
N ARG B 199 7.82 -13.79 -22.16
CA ARG B 199 7.23 -12.49 -22.52
C ARG B 199 8.32 -11.45 -22.66
N SER B 200 8.40 -10.85 -23.85
CA SER B 200 9.17 -9.64 -24.05
C SER B 200 8.18 -8.57 -24.51
N GLY B 201 8.40 -7.34 -24.08
CA GLY B 201 7.47 -6.27 -24.41
C GLY B 201 6.12 -6.38 -23.73
N ALA B 202 6.05 -7.02 -22.57
CA ALA B 202 4.81 -7.09 -21.81
C ALA B 202 4.57 -5.81 -21.01
N GLY B 203 3.34 -5.65 -20.52
CA GLY B 203 3.03 -4.63 -19.54
C GLY B 203 3.08 -5.24 -18.14
N VAL B 204 3.88 -4.63 -17.27
CA VAL B 204 4.09 -5.12 -15.90
C VAL B 204 3.76 -4.01 -14.90
N CYS B 205 2.91 -4.32 -13.91
CA CYS B 205 2.57 -3.37 -12.83
C CYS B 205 2.35 -4.14 -11.52
N VAL B 206 1.98 -3.41 -10.47
CA VAL B 206 1.82 -3.97 -9.12
C VAL B 206 0.42 -3.65 -8.60
N LEU B 207 -0.16 -4.59 -7.86
N LEU B 207 -0.16 -4.60 -7.87
CA LEU B 207 -1.45 -4.39 -7.21
CA LEU B 207 -1.45 -4.42 -7.21
C LEU B 207 -1.49 -5.24 -5.94
C LEU B 207 -1.45 -5.24 -5.93
N HIS B 208 -1.67 -4.57 -4.80
CA HIS B 208 -1.67 -5.22 -3.46
C HIS B 208 -0.29 -5.83 -3.25
N ASN B 209 -0.17 -7.12 -2.94
CA ASN B 209 1.12 -7.78 -2.85
C ASN B 209 1.32 -8.69 -4.06
N CYS B 210 0.98 -8.19 -5.26
CA CYS B 210 1.08 -8.99 -6.48
C CYS B 210 1.68 -8.17 -7.61
N ILE B 211 2.23 -8.89 -8.60
CA ILE B 211 2.79 -8.32 -9.81
C ILE B 211 2.06 -8.93 -11.00
N TYR B 212 1.55 -8.08 -11.88
CA TYR B 212 0.86 -8.54 -13.07
C TYR B 212 1.75 -8.38 -14.29
N ALA B 213 1.74 -9.39 -15.16
CA ALA B 213 2.42 -9.34 -16.46
C ALA B 213 1.37 -9.63 -17.54
N ALA B 214 1.12 -8.64 -18.39
CA ALA B 214 0.05 -8.73 -19.39
C ALA B 214 0.63 -8.64 -20.79
N GLY B 215 0.24 -9.57 -21.65
CA GLY B 215 0.62 -9.50 -23.04
C GLY B 215 2.11 -9.72 -23.24
N GLY B 216 2.62 -9.13 -24.31
CA GLY B 216 4.00 -9.29 -24.72
C GLY B 216 4.12 -10.18 -25.93
N TYR B 217 5.37 -10.53 -26.25
CA TYR B 217 5.71 -11.33 -27.41
C TYR B 217 6.62 -12.46 -26.97
N ASP B 218 6.32 -13.69 -27.40
CA ASP B 218 7.07 -14.85 -26.94
C ASP B 218 8.10 -15.35 -27.96
N GLY B 219 8.34 -14.59 -29.04
CA GLY B 219 9.21 -15.04 -30.11
C GLY B 219 8.48 -15.57 -31.33
N GLN B 220 7.17 -15.81 -31.21
CA GLN B 220 6.32 -16.24 -32.32
C GLN B 220 4.99 -15.53 -32.40
N ASP B 221 4.37 -15.14 -31.27
CA ASP B 221 3.05 -14.55 -31.27
C ASP B 221 2.96 -13.46 -30.20
N GLN B 222 2.23 -12.39 -30.52
CA GLN B 222 1.73 -11.52 -29.49
C GLN B 222 0.78 -12.30 -28.58
N LEU B 223 0.74 -11.92 -27.30
CA LEU B 223 -0.02 -12.64 -26.29
C LEU B 223 -1.18 -11.80 -25.78
N ASN B 224 -2.32 -12.46 -25.51
CA ASN B 224 -3.36 -11.83 -24.73
C ASN B 224 -3.43 -12.37 -23.32
N SER B 225 -2.64 -13.39 -22.99
CA SER B 225 -2.68 -13.96 -21.66
C SER B 225 -2.10 -12.99 -20.64
N VAL B 226 -2.55 -13.12 -19.41
CA VAL B 226 -2.16 -12.28 -18.29
C VAL B 226 -1.90 -13.18 -17.09
N GLU B 227 -0.76 -13.00 -16.42
CA GLU B 227 -0.51 -13.76 -15.20
C GLU B 227 -0.08 -12.84 -14.07
N ARG B 228 -0.27 -13.33 -12.85
CA ARG B 228 -0.08 -12.55 -11.62
C ARG B 228 0.85 -13.31 -10.68
N TYR B 229 1.83 -12.60 -10.13
CA TYR B 229 2.78 -13.17 -9.17
C TYR B 229 2.32 -12.86 -7.76
N ASP B 230 2.03 -13.89 -6.98
CA ASP B 230 1.66 -13.75 -5.58
C ASP B 230 2.92 -13.93 -4.75
N VAL B 231 3.39 -12.84 -4.14
CA VAL B 231 4.64 -12.87 -3.40
C VAL B 231 4.59 -13.90 -2.26
N ALA B 232 3.48 -13.94 -1.53
CA ALA B 232 3.39 -14.79 -0.35
C ALA B 232 3.59 -16.27 -0.67
N THR B 233 3.19 -16.71 -1.87
CA THR B 233 3.33 -18.11 -2.28
C THR B 233 4.35 -18.29 -3.39
N ALA B 234 4.94 -17.21 -3.89
CA ALA B 234 5.94 -17.27 -4.96
C ALA B 234 5.42 -18.04 -6.16
N THR B 235 4.13 -17.85 -6.48
CA THR B 235 3.49 -18.55 -7.58
C THR B 235 2.97 -17.56 -8.62
N TRP B 236 3.14 -17.89 -9.90
CA TRP B 236 2.50 -17.17 -10.99
C TRP B 236 1.21 -17.88 -11.37
N THR B 237 0.11 -17.12 -11.48
CA THR B 237 -1.19 -17.66 -11.84
C THR B 237 -1.79 -16.84 -12.97
N PHE B 238 -2.37 -17.53 -13.95
CA PHE B 238 -3.08 -16.84 -15.03
C PHE B 238 -4.38 -16.25 -14.50
N VAL B 239 -4.74 -15.07 -15.01
CA VAL B 239 -6.04 -14.47 -14.73
C VAL B 239 -6.76 -14.29 -16.06
N ALA B 240 -7.83 -13.52 -16.07
CA ALA B 240 -8.59 -13.29 -17.29
C ALA B 240 -7.69 -12.67 -18.37
N PRO B 241 -7.67 -13.22 -19.57
CA PRO B 241 -6.84 -12.63 -20.64
C PRO B 241 -7.45 -11.33 -21.14
N MET B 242 -6.63 -10.60 -21.89
CA MET B 242 -7.08 -9.37 -22.53
C MET B 242 -7.92 -9.69 -23.76
N LYS B 243 -8.77 -8.74 -24.14
CA LYS B 243 -9.53 -8.88 -25.38
C LYS B 243 -8.61 -8.86 -26.60
N HIS B 244 -7.58 -8.02 -26.59
CA HIS B 244 -6.70 -7.84 -27.75
C HIS B 244 -5.26 -8.15 -27.35
N ARG B 245 -4.68 -9.15 -28.01
CA ARG B 245 -3.28 -9.47 -27.78
C ARG B 245 -2.41 -8.30 -28.26
N ARG B 246 -1.28 -8.12 -27.60
CA ARG B 246 -0.51 -6.91 -27.83
C ARG B 246 0.86 -7.04 -27.15
N SER B 247 1.86 -6.42 -27.75
CA SER B 247 3.15 -6.25 -27.12
C SER B 247 3.56 -4.79 -27.29
N ALA B 248 4.58 -4.38 -26.53
CA ALA B 248 5.01 -2.97 -26.49
C ALA B 248 3.85 -2.06 -26.08
N LEU B 249 3.12 -2.47 -25.06
CA LEU B 249 1.97 -1.72 -24.55
C LEU B 249 2.37 -0.87 -23.36
N GLY B 250 1.60 0.19 -23.14
CA GLY B 250 1.69 0.91 -21.88
C GLY B 250 0.76 0.32 -20.84
N ILE B 251 1.08 0.51 -19.57
CA ILE B 251 0.27 -0.04 -18.50
C ILE B 251 0.40 0.83 -17.27
N THR B 252 -0.68 0.89 -16.48
CA THR B 252 -0.63 1.62 -15.22
C THR B 252 -1.80 1.21 -14.34
N VAL B 253 -1.64 1.48 -13.05
CA VAL B 253 -2.68 1.31 -12.04
C VAL B 253 -3.25 2.68 -11.72
N HIS B 254 -4.58 2.77 -11.64
CA HIS B 254 -5.25 4.01 -11.28
C HIS B 254 -6.44 3.68 -10.40
N GLN B 255 -6.42 4.18 -9.16
CA GLN B 255 -7.53 4.00 -8.21
C GLN B 255 -7.95 2.53 -8.11
N GLY B 256 -6.97 1.63 -8.15
CA GLY B 256 -7.22 0.23 -7.89
C GLY B 256 -7.52 -0.66 -9.07
N ARG B 257 -7.40 -0.15 -10.30
CA ARG B 257 -7.61 -0.94 -11.49
C ARG B 257 -6.42 -0.78 -12.42
N ILE B 258 -6.26 -1.72 -13.35
CA ILE B 258 -5.13 -1.75 -14.28
C ILE B 258 -5.62 -1.37 -15.67
N TYR B 259 -4.87 -0.49 -16.33
CA TYR B 259 -5.21 -0.02 -17.67
C TYR B 259 -4.04 -0.31 -18.61
N VAL B 260 -4.32 -0.95 -19.75
CA VAL B 260 -3.34 -1.19 -20.80
C VAL B 260 -3.67 -0.29 -21.98
N LEU B 261 -2.63 0.23 -22.64
CA LEU B 261 -2.79 1.26 -23.66
C LEU B 261 -1.96 0.93 -24.90
N GLY B 262 -2.63 0.79 -26.05
CA GLY B 262 -1.94 0.67 -27.31
C GLY B 262 -1.18 -0.64 -27.47
N GLY B 263 -0.12 -0.59 -28.27
CA GLY B 263 0.72 -1.74 -28.52
C GLY B 263 0.69 -2.15 -29.99
N TYR B 264 1.35 -3.27 -30.27
CA TYR B 264 1.46 -3.83 -31.60
C TYR B 264 0.96 -5.27 -31.55
N ASP B 265 0.12 -5.65 -32.51
CA ASP B 265 -0.47 -6.98 -32.55
C ASP B 265 0.18 -7.88 -33.60
N GLY B 266 1.28 -7.45 -34.20
CA GLY B 266 1.85 -8.15 -35.33
C GLY B 266 1.32 -7.71 -36.67
N HIS B 267 0.29 -6.86 -36.68
CA HIS B 267 -0.24 -6.29 -37.91
C HIS B 267 -0.34 -4.77 -37.79
N THR B 268 -1.13 -4.30 -36.82
CA THR B 268 -1.47 -2.89 -36.69
C THR B 268 -1.05 -2.36 -35.32
N PHE B 269 -1.01 -1.04 -35.21
CA PHE B 269 -0.72 -0.37 -33.95
C PHE B 269 -2.02 -0.08 -33.23
N LEU B 270 -2.24 -0.78 -32.13
CA LEU B 270 -3.56 -0.83 -31.52
C LEU B 270 -3.97 0.52 -30.94
N ASP B 271 -5.25 0.83 -31.11
CA ASP B 271 -5.92 1.93 -30.45
C ASP B 271 -6.44 1.54 -29.07
N SER B 272 -6.77 0.26 -28.88
CA SER B 272 -7.56 -0.17 -27.73
C SER B 272 -6.91 0.16 -26.40
N VAL B 273 -7.75 0.55 -25.44
CA VAL B 273 -7.35 0.74 -24.05
C VAL B 273 -8.29 -0.12 -23.20
N GLU B 274 -7.75 -1.19 -22.64
CA GLU B 274 -8.53 -2.13 -21.84
C GLU B 274 -8.26 -1.91 -20.34
N CYS B 275 -9.29 -2.08 -19.53
CA CYS B 275 -9.23 -1.87 -18.09
C CYS B 275 -9.57 -3.17 -17.38
N TYR B 276 -8.81 -3.50 -16.36
CA TYR B 276 -8.98 -4.73 -15.59
C TYR B 276 -9.49 -4.40 -14.20
N ASP B 277 -10.62 -4.99 -13.83
CA ASP B 277 -11.10 -4.87 -12.45
C ASP B 277 -10.75 -6.14 -11.70
N PRO B 278 -9.95 -6.06 -10.64
CA PRO B 278 -9.51 -7.29 -9.97
C PRO B 278 -10.60 -8.00 -9.20
N ASP B 279 -11.57 -7.26 -8.65
CA ASP B 279 -12.61 -7.91 -7.85
C ASP B 279 -13.48 -8.80 -8.72
N THR B 280 -13.77 -8.38 -9.95
CA THR B 280 -14.55 -9.21 -10.87
C THR B 280 -13.68 -10.06 -11.80
N ASP B 281 -12.37 -9.82 -11.83
CA ASP B 281 -11.47 -10.53 -12.74
C ASP B 281 -11.97 -10.42 -14.18
N THR B 282 -12.21 -9.17 -14.62
CA THR B 282 -12.76 -8.92 -15.94
C THR B 282 -12.04 -7.74 -16.59
N TRP B 283 -11.81 -7.85 -17.89
CA TRP B 283 -11.21 -6.80 -18.71
C TRP B 283 -12.31 -6.08 -19.49
N SER B 284 -12.24 -4.75 -19.52
CA SER B 284 -13.21 -3.96 -20.25
C SER B 284 -12.50 -2.93 -21.10
N GLU B 285 -12.93 -2.80 -22.35
CA GLU B 285 -12.46 -1.73 -23.22
C GLU B 285 -13.02 -0.40 -22.71
N VAL B 286 -12.14 0.46 -22.20
CA VAL B 286 -12.57 1.70 -21.56
C VAL B 286 -12.78 2.77 -22.62
N THR B 287 -11.71 3.08 -23.36
CA THR B 287 -11.80 4.01 -24.49
C THR B 287 -10.78 3.70 -25.56
N ARG B 288 -10.31 4.77 -26.20
CA ARG B 288 -9.39 4.69 -27.31
C ARG B 288 -8.50 5.92 -27.27
N MET B 289 -7.20 5.69 -27.44
CA MET B 289 -6.29 6.81 -27.68
C MET B 289 -6.62 7.48 -29.00
N THR B 290 -6.22 8.75 -29.12
CA THR B 290 -6.56 9.51 -30.32
C THR B 290 -5.95 8.91 -31.58
N SER B 291 -4.90 8.10 -31.45
CA SER B 291 -4.33 7.38 -32.58
C SER B 291 -3.55 6.19 -32.04
N GLY B 292 -3.50 5.12 -32.83
CA GLY B 292 -2.81 3.92 -32.41
C GLY B 292 -1.30 4.11 -32.42
N ARG B 293 -0.63 3.42 -31.49
CA ARG B 293 0.81 3.58 -31.31
C ARG B 293 1.27 2.44 -30.41
N SER B 294 2.58 2.16 -30.46
CA SER B 294 3.24 1.23 -29.57
C SER B 294 4.39 1.92 -28.88
N GLY B 295 4.95 1.25 -27.88
CA GLY B 295 6.15 1.72 -27.20
C GLY B 295 6.00 2.98 -26.40
N VAL B 296 4.87 3.18 -25.71
CA VAL B 296 4.64 4.41 -24.96
C VAL B 296 5.21 4.32 -23.55
N GLY B 297 5.27 5.45 -22.87
CA GLY B 297 5.50 5.50 -21.44
C GLY B 297 4.21 5.97 -20.77
N VAL B 298 3.90 5.43 -19.60
CA VAL B 298 2.62 5.69 -18.93
C VAL B 298 2.84 5.83 -17.44
N ALA B 299 2.14 6.78 -16.82
CA ALA B 299 2.18 6.99 -15.38
C ALA B 299 0.94 7.77 -14.97
N VAL B 300 0.77 7.98 -13.66
CA VAL B 300 -0.37 8.71 -13.12
C VAL B 300 0.11 9.80 -12.16
N THR B 301 -0.33 11.03 -12.38
CA THR B 301 -0.06 12.12 -11.45
C THR B 301 -1.21 13.12 -11.52
N MET B 302 -1.03 14.25 -10.82
CA MET B 302 -2.08 15.24 -10.64
C MET B 302 -2.52 15.87 -11.95
N GLU B 303 -3.75 16.39 -11.96
CA GLU B 303 -4.31 17.00 -13.15
C GLU B 303 -3.64 18.34 -13.44
N PRO B 304 -3.54 18.71 -14.73
CA PRO B 304 -3.11 20.08 -15.07
C PRO B 304 -4.17 21.12 -14.77
N SER B 305 -3.96 22.34 -15.24
CA SER B 305 -4.88 23.45 -14.96
C SER B 305 -5.85 23.71 -16.10
N TRP C 2 15.29 -8.73 -39.18
CA TRP C 2 14.12 -8.66 -40.04
C TRP C 2 13.86 -7.23 -40.53
N ARG C 3 12.67 -7.01 -41.11
CA ARG C 3 12.32 -5.72 -41.71
C ARG C 3 11.53 -4.84 -40.74
N CYS C 4 10.40 -5.33 -40.23
CA CYS C 4 9.67 -4.68 -39.16
C CYS C 4 9.84 -5.48 -37.89
N ASP C 5 10.08 -4.79 -36.78
CA ASP C 5 10.30 -5.46 -35.50
C ASP C 5 9.06 -6.25 -35.10
N GLU C 6 9.22 -7.56 -34.90
CA GLU C 6 8.08 -8.44 -34.62
C GLU C 6 7.38 -8.02 -33.33
N GLU C 7 8.10 -7.42 -32.41
CA GLU C 7 7.62 -7.13 -31.07
C GLU C 7 7.10 -5.72 -30.90
N THR C 8 7.73 -4.73 -31.55
CA THR C 8 7.33 -3.35 -31.40
C THR C 8 6.69 -2.77 -32.65
N GLY C 9 6.87 -3.40 -33.81
CA GLY C 9 6.37 -2.87 -35.06
C GLY C 9 7.25 -1.84 -35.71
N GLU C 10 8.36 -1.44 -35.09
CA GLU C 10 9.16 -0.36 -35.63
C GLU C 10 9.96 -0.80 -36.86
N CYS C 11 10.10 0.11 -37.82
CA CYS C 11 10.89 -0.16 -39.02
CA CYS C 11 10.89 -0.16 -39.02
C CYS C 11 12.37 -0.19 -38.67
N NH2 C 12 13.09 -1.12 -39.29
S SO4 D . -19.53 -15.11 14.23
O1 SO4 D . -19.57 -16.51 14.64
O2 SO4 D . -20.05 -14.27 15.32
O3 SO4 D . -18.15 -14.73 13.93
O4 SO4 D . -20.36 -14.93 13.04
S SO4 E . -14.51 -6.91 29.60
O1 SO4 E . -15.73 -7.56 30.07
O2 SO4 E . -13.47 -7.05 30.64
O3 SO4 E . -14.77 -5.49 29.37
O4 SO4 E . -14.05 -7.54 28.36
S SO4 F . -15.68 13.87 35.07
O1 SO4 F . -16.68 13.93 36.14
O2 SO4 F . -14.44 13.35 35.62
O3 SO4 F . -15.46 15.21 34.53
O4 SO4 F . -16.17 13.00 34.01
S SO4 G . -15.88 -22.72 14.43
O1 SO4 G . -17.02 -22.50 13.55
O2 SO4 G . -16.28 -22.51 15.82
O3 SO4 G . -14.81 -21.77 14.09
O4 SO4 G . -15.39 -24.08 14.27
CL CL H . -7.46 1.79 18.85
C1 GOL I . 11.09 -8.33 33.49
O1 GOL I . 11.60 -8.23 32.17
C2 GOL I . 10.39 -6.99 33.81
O2 GOL I . 11.29 -5.93 33.89
C3 GOL I . 9.62 -7.22 35.13
O3 GOL I . 8.94 -6.02 35.40
C1 EDO J . -10.02 12.31 33.92
O1 EDO J . -8.82 11.62 34.30
C2 EDO J . -10.73 12.87 35.15
O2 EDO J . -10.32 14.22 35.36
C1 EDO K . 2.70 17.75 17.44
O1 EDO K . 3.78 17.36 18.30
C2 EDO K . 1.71 18.60 18.22
O2 EDO K . 1.09 19.56 17.34
C1 GOL L . -8.85 -5.29 21.93
O1 GOL L . -9.31 -3.96 21.93
C2 GOL L . -7.76 -5.49 23.04
O2 GOL L . -6.51 -5.55 22.45
C3 GOL L . -7.88 -4.26 24.05
O3 GOL L . -9.13 -4.26 24.71
C1 EDO M . -24.94 -7.43 3.12
O1 EDO M . -23.99 -6.62 2.41
C2 EDO M . -24.22 -8.24 4.19
O2 EDO M . -23.79 -7.38 5.26
C1 EDO N . 9.85 -12.33 28.65
O1 EDO N . 10.93 -11.58 29.19
C2 EDO N . 8.91 -12.77 29.76
O2 EDO N . 7.55 -12.59 29.36
C1 EDO O . 17.01 -6.47 20.91
O1 EDO O . 16.47 -5.28 20.34
C2 EDO O . 16.37 -6.75 22.27
O2 EDO O . 15.09 -7.37 22.09
S SO4 P . 26.09 -2.99 -19.77
O1 SO4 P . 24.88 -3.52 -19.16
O2 SO4 P . 25.97 -1.53 -19.89
O3 SO4 P . 27.24 -3.32 -18.93
O4 SO4 P . 26.29 -3.57 -21.10
C1 GOL Q . 21.63 7.49 -34.93
O1 GOL Q . 20.60 8.27 -35.50
C2 GOL Q . 23.02 7.91 -35.56
O2 GOL Q . 23.46 9.17 -35.11
C3 GOL Q . 24.01 6.77 -35.15
O3 GOL Q . 25.27 7.11 -35.69
C1 EDO R . 7.26 -20.09 -26.89
O1 EDO R . 8.61 -19.62 -27.07
C2 EDO R . 6.82 -20.88 -28.11
O2 EDO R . 6.81 -19.99 -29.25
C1 GOL S . 4.20 1.81 -18.17
O1 GOL S . 3.96 1.71 -19.54
C2 GOL S . 5.69 2.22 -17.96
O2 GOL S . 6.04 3.36 -18.67
C3 GOL S . 5.81 2.43 -16.43
O3 GOL S . 7.16 2.67 -16.15
C1 GOL T . 12.38 13.65 -36.60
O1 GOL T . 12.88 13.93 -35.32
C2 GOL T . 13.49 14.01 -37.65
O2 GOL T . 14.67 13.32 -37.42
C3 GOL T . 12.88 13.71 -39.04
O3 GOL T . 13.84 14.12 -39.99
C1 EDO U . -3.13 3.62 -6.92
O1 EDO U . -4.37 2.90 -6.84
C2 EDO U . -3.06 4.66 -5.81
O2 EDO U . -4.20 5.51 -5.86
C1 EDO V . 5.01 10.27 -5.20
O1 EDO V . 6.13 10.60 -4.36
C2 EDO V . 4.53 11.54 -5.91
O2 EDO V . 3.36 11.27 -6.69
C1 ZK2 W . 7.20 -1.99 -40.25
C2 ZK2 W . 6.60 -0.92 -41.13
C3 ZK2 W . 5.23 -0.71 -41.15
C4 ZK2 W . 4.65 0.25 -41.94
C5 ZK2 W . 5.45 1.03 -42.75
C6 ZK2 W . 6.81 0.85 -42.75
C7 ZK2 W . 7.41 -0.11 -41.95
C8 ZK2 W . 8.91 -0.28 -41.98
#